data_5ME7
#
_entry.id   5ME7
#
_cell.length_a   57.746
_cell.length_b   108.957
_cell.length_c   122.143
_cell.angle_alpha   90.00
_cell.angle_beta   90.00
_cell.angle_gamma   90.00
#
_symmetry.space_group_name_H-M   'P 21 21 21'
#
loop_
_entity.id
_entity.type
_entity.pdbx_description
1 polymer 'Eukaryotic transcription initiation factor 4E'
2 non-polymer GLYCEROL
3 water water
#
_entity_poly.entity_id   1
_entity_poly.type   'polypeptide(L)'
_entity_poly.pdbx_seq_one_letter_code
;SNAASLVHQPHPLEHSWTFWFDNPSAKSKQATWGASIRPIYTFSTVEEFWSVYNNIHHPSKLAMRADLYCFKHKIEPKWE
DPVCANGGKWTVNFPRGKSDNGWLYTLLAMIGEQFDCGDEICGAVVNVRSGQDKISIWTKNASNEAAQASIGKQWKEFLD
YNESIGFIFHDDAKKFDRHAKNKYMV
;
_entity_poly.pdbx_strand_id   A,B,C,D
#
loop_
_chem_comp.id
_chem_comp.type
_chem_comp.name
_chem_comp.formula
GOL non-polymer GLYCEROL 'C3 H8 O3'
#
# COMPACT_ATOMS: atom_id res chain seq x y z
N ASN A 2 32.18 15.15 4.52
CA ASN A 2 33.40 15.88 4.06
C ASN A 2 33.30 16.14 2.51
N ALA A 3 34.25 16.92 2.00
CA ALA A 3 34.30 17.33 0.55
C ALA A 3 34.20 16.20 -0.47
N ALA A 4 34.53 15.00 -0.02
CA ALA A 4 34.39 13.75 -0.87
C ALA A 4 33.04 13.60 -1.61
N SER A 5 31.96 13.84 -0.88
CA SER A 5 30.64 13.84 -1.42
C SER A 5 30.47 15.16 -2.22
N LEU A 6 31.04 16.30 -1.76
CA LEU A 6 30.95 17.62 -2.43
C LEU A 6 31.38 17.71 -3.87
N VAL A 7 32.50 17.10 -4.18
CA VAL A 7 33.04 17.15 -5.54
C VAL A 7 32.55 16.07 -6.44
N HIS A 8 31.81 15.09 -5.93
CA HIS A 8 31.24 14.01 -6.78
C HIS A 8 29.78 13.76 -6.39
N GLN A 9 28.99 14.83 -6.45
CA GLN A 9 27.65 14.83 -5.97
C GLN A 9 26.74 14.16 -6.97
N PRO A 10 25.87 13.30 -6.49
CA PRO A 10 24.91 12.74 -7.44
C PRO A 10 23.85 13.75 -7.94
N HIS A 11 23.29 13.48 -9.08
CA HIS A 11 22.34 14.32 -9.79
C HIS A 11 20.98 13.67 -9.60
N PRO A 12 20.15 14.21 -8.70
CA PRO A 12 18.81 13.57 -8.45
C PRO A 12 17.80 13.71 -9.59
N LEU A 13 16.96 12.68 -9.75
CA LEU A 13 15.90 12.65 -10.74
C LEU A 13 14.68 13.27 -10.06
N GLU A 14 13.72 13.72 -10.86
CA GLU A 14 12.51 14.28 -10.30
C GLU A 14 11.79 13.22 -9.50
N HIS A 15 11.71 11.98 -10.04
CA HIS A 15 11.05 10.89 -9.33
C HIS A 15 12.08 9.83 -9.05
N SER A 16 11.82 8.98 -8.06
CA SER A 16 12.44 7.62 -8.01
C SER A 16 11.68 6.61 -8.90
N TRP A 17 12.41 5.62 -9.39
CA TRP A 17 11.91 4.64 -10.28
C TRP A 17 12.38 3.26 -9.86
N THR A 18 11.64 2.23 -10.24
CA THR A 18 11.90 0.84 -9.85
C THR A 18 11.75 -0.03 -11.09
N PHE A 19 12.77 -0.81 -11.40
CA PHE A 19 12.68 -1.92 -12.35
C PHE A 19 12.01 -3.13 -11.70
N TRP A 20 11.11 -3.76 -12.45
CA TRP A 20 10.43 -5.00 -12.06
C TRP A 20 10.62 -6.04 -13.17
N PHE A 21 10.63 -7.32 -12.80
CA PHE A 21 10.88 -8.36 -13.76
C PHE A 21 9.85 -9.47 -13.59
N ASP A 22 9.38 -9.99 -14.72
CA ASP A 22 8.53 -11.21 -14.79
C ASP A 22 9.24 -12.22 -15.67
N ASN A 23 9.39 -13.42 -15.14
CA ASN A 23 10.18 -14.50 -15.74
C ASN A 23 9.23 -15.24 -16.63
N PRO A 24 9.81 -16.09 -17.44
CA PRO A 24 9.09 -16.85 -18.48
C PRO A 24 8.57 -18.26 -18.07
N ALA A 35 0.92 -10.79 -10.30
CA ALA A 35 1.22 -11.55 -9.05
C ALA A 35 2.63 -12.19 -8.92
N SER A 36 3.29 -12.49 -10.06
CA SER A 36 4.70 -12.99 -10.14
C SER A 36 5.72 -11.89 -10.56
N ILE A 37 5.24 -10.67 -10.70
CA ILE A 37 6.09 -9.58 -11.11
C ILE A 37 6.83 -9.08 -9.89
N ARG A 38 8.16 -9.04 -9.91
CA ARG A 38 8.95 -8.67 -8.71
C ARG A 38 9.81 -7.43 -8.92
N PRO A 39 9.91 -6.57 -7.88
CA PRO A 39 10.77 -5.43 -7.98
C PRO A 39 12.23 -5.86 -7.82
N ILE A 40 13.15 -5.35 -8.65
CA ILE A 40 14.52 -5.79 -8.57
C ILE A 40 15.58 -4.69 -8.27
N TYR A 41 15.35 -3.43 -8.74
CA TYR A 41 16.25 -2.32 -8.51
C TYR A 41 15.46 -1.01 -8.45
N THR A 42 15.67 -0.21 -7.43
CA THR A 42 15.18 1.15 -7.34
C THR A 42 16.38 2.11 -7.66
N PHE A 43 16.11 3.26 -8.30
CA PHE A 43 17.09 4.30 -8.45
C PHE A 43 16.47 5.71 -8.43
N SER A 44 17.25 6.67 -7.94
CA SER A 44 16.78 8.03 -7.68
C SER A 44 17.71 9.07 -8.26
N THR A 45 18.83 8.65 -8.86
CA THR A 45 19.78 9.57 -9.40
C THR A 45 20.25 9.04 -10.75
N VAL A 46 20.88 9.92 -11.53
CA VAL A 46 21.35 9.61 -12.82
C VAL A 46 22.41 8.47 -12.70
N GLU A 47 23.31 8.59 -11.76
CA GLU A 47 24.38 7.66 -11.54
C GLU A 47 23.82 6.32 -11.15
N GLU A 48 22.82 6.28 -10.23
CA GLU A 48 22.15 4.99 -9.90
C GLU A 48 21.39 4.38 -11.10
N PHE A 49 20.74 5.19 -11.92
CA PHE A 49 20.19 4.72 -13.17
C PHE A 49 21.25 3.96 -13.99
N TRP A 50 22.38 4.61 -14.29
CA TRP A 50 23.37 3.95 -15.19
C TRP A 50 23.98 2.72 -14.55
N SER A 51 24.22 2.78 -13.24
CA SER A 51 24.73 1.64 -12.52
C SER A 51 23.76 0.41 -12.67
N VAL A 52 22.44 0.64 -12.55
CA VAL A 52 21.47 -0.42 -12.60
C VAL A 52 21.28 -0.88 -14.04
N TYR A 53 21.22 0.07 -14.97
CA TYR A 53 21.06 -0.25 -16.35
C TYR A 53 22.22 -1.10 -16.87
N ASN A 54 23.44 -0.80 -16.45
CA ASN A 54 24.62 -1.56 -16.88
C ASN A 54 24.75 -2.93 -16.22
N ASN A 55 23.91 -3.26 -15.23
CA ASN A 55 23.89 -4.62 -14.60
C ASN A 55 22.61 -5.43 -14.86
N ILE A 56 21.60 -4.87 -15.51
CA ILE A 56 20.47 -5.65 -15.97
C ILE A 56 20.77 -5.94 -17.43
N HIS A 57 20.38 -7.13 -17.88
CA HIS A 57 20.45 -7.44 -19.29
C HIS A 57 19.63 -6.46 -20.11
N HIS A 58 20.21 -6.06 -21.23
CA HIS A 58 19.46 -5.41 -22.28
C HIS A 58 18.45 -6.44 -22.91
N PRO A 59 17.38 -5.96 -23.53
CA PRO A 59 16.37 -6.86 -24.09
C PRO A 59 16.93 -7.83 -25.10
N SER A 60 17.96 -7.44 -25.85
CA SER A 60 18.60 -8.38 -26.76
C SER A 60 19.20 -9.61 -26.05
N LYS A 61 19.40 -9.58 -24.74
CA LYS A 61 19.92 -10.74 -24.03
C LYS A 61 18.97 -11.27 -22.98
N LEU A 62 17.74 -10.75 -22.91
CA LEU A 62 16.70 -11.37 -22.05
C LEU A 62 16.11 -12.58 -22.73
N ALA A 63 15.71 -13.53 -21.90
CA ALA A 63 15.15 -14.79 -22.36
C ALA A 63 13.75 -14.58 -22.92
N MET A 64 13.34 -15.47 -23.81
CA MET A 64 12.02 -15.41 -24.40
C MET A 64 10.93 -15.37 -23.34
N ARG A 65 9.90 -14.58 -23.64
CA ARG A 65 8.74 -14.35 -22.78
C ARG A 65 9.04 -13.53 -21.50
N ALA A 66 10.21 -12.92 -21.39
CA ALA A 66 10.52 -12.02 -20.28
C ALA A 66 9.84 -10.67 -20.44
N ASP A 67 9.37 -10.12 -19.32
CA ASP A 67 8.84 -8.74 -19.28
C ASP A 67 9.69 -7.94 -18.29
N LEU A 68 10.26 -6.83 -18.75
CA LEU A 68 11.02 -5.94 -17.88
C LEU A 68 10.35 -4.58 -17.79
N TYR A 69 9.97 -4.15 -16.59
CA TYR A 69 9.23 -2.95 -16.36
C TYR A 69 10.07 -1.91 -15.66
N CYS A 70 9.86 -0.62 -15.94
CA CYS A 70 10.45 0.48 -15.21
C CYS A 70 9.34 1.47 -14.87
N PHE A 71 8.93 1.54 -13.60
CA PHE A 71 7.81 2.31 -13.17
C PHE A 71 8.16 3.30 -12.07
N LYS A 72 7.45 4.40 -12.03
CA LYS A 72 7.60 5.33 -10.93
C LYS A 72 7.43 4.63 -9.58
N HIS A 73 8.25 5.05 -8.64
CA HIS A 73 8.28 4.50 -7.34
C HIS A 73 6.87 4.51 -6.76
N LYS A 74 6.49 3.36 -6.24
CA LYS A 74 5.16 3.12 -5.65
C LYS A 74 3.96 3.00 -6.61
N ILE A 75 4.17 3.05 -7.90
CA ILE A 75 3.22 2.50 -8.83
C ILE A 75 3.61 1.04 -9.20
N GLU A 76 2.74 0.13 -8.86
CA GLU A 76 2.96 -1.26 -9.24
C GLU A 76 2.45 -1.45 -10.69
N PRO A 77 3.21 -2.18 -11.50
CA PRO A 77 2.86 -2.44 -12.86
C PRO A 77 1.77 -3.50 -13.04
N LYS A 78 0.54 -3.16 -12.59
CA LYS A 78 -0.62 -3.99 -12.63
C LYS A 78 -1.84 -3.10 -12.92
N TRP A 79 -2.69 -3.58 -13.78
CA TRP A 79 -3.99 -2.91 -14.12
C TRP A 79 -4.84 -2.54 -12.92
N GLU A 80 -4.69 -3.22 -11.81
CA GLU A 80 -5.52 -3.04 -10.65
C GLU A 80 -4.93 -1.99 -9.65
N ASP A 81 -3.66 -1.63 -9.84
CA ASP A 81 -3.08 -0.51 -9.09
C ASP A 81 -3.95 0.78 -9.25
N PRO A 82 -4.26 1.51 -8.14
CA PRO A 82 -5.22 2.64 -8.24
C PRO A 82 -4.77 3.82 -9.14
N VAL A 83 -3.47 4.01 -9.32
CA VAL A 83 -2.97 4.96 -10.27
C VAL A 83 -3.19 4.48 -11.74
N CYS A 84 -3.00 3.20 -12.01
CA CYS A 84 -3.09 2.66 -13.35
C CYS A 84 -4.50 2.33 -13.76
N ALA A 85 -5.44 2.24 -12.82
CA ALA A 85 -6.69 1.54 -13.11
C ALA A 85 -7.52 2.09 -14.27
N ASN A 86 -7.54 3.41 -14.41
CA ASN A 86 -8.35 3.99 -15.48
C ASN A 86 -7.45 4.41 -16.70
N GLY A 87 -6.28 3.75 -16.84
CA GLY A 87 -5.28 4.12 -17.76
C GLY A 87 -5.15 3.15 -18.88
N GLY A 88 -4.04 3.22 -19.54
CA GLY A 88 -3.87 2.44 -20.75
C GLY A 88 -2.46 2.46 -21.18
N LYS A 89 -2.21 1.93 -22.36
CA LYS A 89 -0.84 1.89 -22.86
C LYS A 89 -0.70 2.18 -24.37
N TRP A 90 0.39 2.89 -24.73
CA TRP A 90 0.89 3.00 -26.13
C TRP A 90 1.91 1.93 -26.37
N THR A 91 1.91 1.33 -27.58
CA THR A 91 2.79 0.27 -27.88
C THR A 91 3.51 0.42 -29.21
N VAL A 92 4.82 0.13 -29.22
CA VAL A 92 5.63 0.08 -30.44
C VAL A 92 6.16 -1.31 -30.57
N ASN A 93 6.53 -1.68 -31.78
CA ASN A 93 7.11 -2.99 -32.10
C ASN A 93 8.49 -2.86 -32.75
N PHE A 94 9.39 -3.80 -32.48
CA PHE A 94 10.71 -3.83 -33.05
C PHE A 94 11.02 -5.26 -33.39
N PRO A 95 11.84 -5.49 -34.42
CA PRO A 95 12.25 -6.89 -34.62
C PRO A 95 12.99 -7.48 -33.40
N ARG A 96 12.87 -8.77 -33.22
CA ARG A 96 13.48 -9.49 -32.12
C ARG A 96 14.95 -9.14 -32.03
N GLY A 97 15.38 -8.65 -30.89
CA GLY A 97 16.81 -8.37 -30.73
C GLY A 97 17.23 -7.01 -31.28
N LYS A 98 16.26 -6.19 -31.71
CA LYS A 98 16.53 -4.87 -32.27
C LYS A 98 15.78 -3.78 -31.51
N SER A 99 15.59 -3.98 -30.20
CA SER A 99 14.78 -3.09 -29.40
C SER A 99 15.57 -2.38 -28.34
N ASP A 100 16.89 -2.62 -28.28
CA ASP A 100 17.76 -2.02 -27.19
C ASP A 100 17.77 -0.46 -27.19
N ASN A 101 17.96 0.14 -28.35
CA ASN A 101 17.96 1.59 -28.49
C ASN A 101 16.59 2.21 -28.16
N GLY A 102 15.50 1.66 -28.69
CA GLY A 102 14.20 2.17 -28.34
C GLY A 102 13.89 2.07 -26.86
N TRP A 103 14.34 1.00 -26.22
CA TRP A 103 14.15 0.84 -24.78
C TRP A 103 14.91 1.92 -24.08
N LEU A 104 16.20 2.08 -24.45
CA LEU A 104 17.03 3.13 -23.75
C LEU A 104 16.43 4.53 -23.91
N TYR A 105 16.05 4.90 -25.13
CA TYR A 105 15.42 6.20 -25.34
C TYR A 105 14.13 6.41 -24.54
N THR A 106 13.34 5.37 -24.42
CA THR A 106 12.12 5.40 -23.67
C THR A 106 12.42 5.68 -22.20
N LEU A 107 13.38 4.95 -21.66
CA LEU A 107 13.84 5.18 -20.31
C LEU A 107 14.32 6.58 -20.09
N LEU A 108 15.16 7.08 -20.98
CA LEU A 108 15.73 8.38 -20.76
C LEU A 108 14.71 9.50 -20.87
N ALA A 109 13.76 9.34 -21.75
CA ALA A 109 12.69 10.34 -21.92
C ALA A 109 11.78 10.39 -20.68
N MET A 110 11.50 9.22 -20.11
CA MET A 110 10.69 9.13 -18.94
C MET A 110 11.42 9.71 -17.74
N ILE A 111 12.61 9.20 -17.42
CA ILE A 111 13.22 9.55 -16.16
C ILE A 111 13.73 10.97 -16.19
N GLY A 112 14.07 11.46 -17.39
CA GLY A 112 14.42 12.88 -17.58
C GLY A 112 13.21 13.81 -17.62
N GLU A 113 11.97 13.32 -17.52
CA GLU A 113 10.74 14.17 -17.52
C GLU A 113 10.64 15.01 -18.78
N GLN A 114 10.95 14.39 -19.90
CA GLN A 114 10.95 15.08 -21.17
C GLN A 114 9.56 15.14 -21.87
N PHE A 115 8.57 14.39 -21.40
CA PHE A 115 7.30 14.44 -21.99
C PHE A 115 6.55 15.66 -21.48
N ASP A 116 5.87 16.33 -22.39
CA ASP A 116 5.04 17.46 -22.08
C ASP A 116 3.92 17.07 -21.08
N CYS A 117 3.24 15.93 -21.33
CA CYS A 117 2.21 15.43 -20.44
C CYS A 117 2.78 14.34 -19.54
N GLY A 118 3.99 14.58 -19.04
CA GLY A 118 4.70 13.66 -18.20
C GLY A 118 4.07 13.29 -16.86
N ASP A 119 3.16 14.09 -16.35
CA ASP A 119 2.30 13.74 -15.21
C ASP A 119 1.51 12.43 -15.43
N GLU A 120 1.07 12.20 -16.66
CA GLU A 120 0.28 11.05 -16.97
C GLU A 120 1.09 9.72 -17.07
N ILE A 121 2.42 9.76 -17.16
CA ILE A 121 3.21 8.57 -17.29
C ILE A 121 3.38 7.76 -16.01
N CYS A 122 3.14 6.46 -16.09
CA CYS A 122 3.33 5.55 -15.01
C CYS A 122 4.65 4.79 -15.12
N GLY A 123 4.98 4.27 -16.31
CA GLY A 123 6.18 3.55 -16.53
C GLY A 123 6.19 2.96 -17.92
N ALA A 124 7.22 2.17 -18.19
CA ALA A 124 7.35 1.46 -19.42
C ALA A 124 7.68 -0.02 -19.21
N VAL A 125 7.45 -0.83 -20.24
CA VAL A 125 7.76 -2.21 -20.20
C VAL A 125 8.23 -2.67 -21.56
N VAL A 126 9.19 -3.58 -21.56
CA VAL A 126 9.63 -4.25 -22.78
C VAL A 126 9.22 -5.72 -22.62
N ASN A 127 8.54 -6.23 -23.64
CA ASN A 127 8.11 -7.61 -23.74
C ASN A 127 8.98 -8.28 -24.80
N VAL A 128 9.85 -9.19 -24.37
CA VAL A 128 10.67 -9.96 -25.28
C VAL A 128 9.86 -11.20 -25.76
N ARG A 129 9.63 -11.29 -27.07
CA ARG A 129 8.93 -12.41 -27.71
C ARG A 129 9.67 -12.83 -28.99
N SER A 130 9.43 -14.03 -29.49
CA SER A 130 9.99 -14.47 -30.77
C SER A 130 9.27 -13.66 -31.85
N GLY A 131 9.96 -13.35 -32.93
CA GLY A 131 9.31 -12.53 -33.97
C GLY A 131 9.49 -11.05 -33.74
N GLN A 132 8.70 -10.45 -32.84
CA GLN A 132 8.76 -9.00 -32.53
C GLN A 132 8.90 -8.76 -31.02
N ASP A 133 9.73 -7.79 -30.61
CA ASP A 133 9.70 -7.32 -29.22
C ASP A 133 8.69 -6.16 -29.21
N LYS A 134 8.12 -5.87 -28.05
CA LYS A 134 7.19 -4.78 -27.93
C LYS A 134 7.71 -3.91 -26.83
N ILE A 135 7.43 -2.62 -26.92
CA ILE A 135 7.64 -1.73 -25.80
C ILE A 135 6.37 -0.92 -25.64
N SER A 136 5.94 -0.74 -24.41
CA SER A 136 4.78 -0.01 -24.11
C SER A 136 5.09 1.04 -23.06
N ILE A 137 4.50 2.24 -23.21
CA ILE A 137 4.39 3.20 -22.12
C ILE A 137 3.01 3.10 -21.55
N TRP A 138 2.94 2.92 -20.23
CA TRP A 138 1.69 2.90 -19.48
C TRP A 138 1.38 4.29 -19.00
N THR A 139 0.14 4.74 -19.19
CA THR A 139 -0.31 6.05 -18.75
C THR A 139 -1.57 5.97 -17.91
N LYS A 140 -1.84 7.05 -17.20
CA LYS A 140 -3.05 7.20 -16.39
C LYS A 140 -4.11 7.93 -17.28
N ASN A 141 -5.40 7.87 -16.91
CA ASN A 141 -6.47 8.69 -17.49
C ASN A 141 -6.62 8.46 -18.98
N ALA A 142 -6.96 7.25 -19.32
CA ALA A 142 -7.17 6.82 -20.69
C ALA A 142 -8.15 7.70 -21.44
N SER A 143 -9.20 8.16 -20.78
CA SER A 143 -10.21 8.93 -21.48
C SER A 143 -9.74 10.38 -21.85
N ASN A 144 -8.58 10.87 -21.36
CA ASN A 144 -8.11 12.17 -21.76
C ASN A 144 -7.33 12.03 -23.08
N GLU A 145 -8.08 12.10 -24.19
CA GLU A 145 -7.54 11.85 -25.52
C GLU A 145 -6.44 12.84 -25.92
N ALA A 146 -6.64 14.10 -25.68
CA ALA A 146 -5.58 15.09 -25.96
C ALA A 146 -4.23 14.69 -25.31
N ALA A 147 -4.23 14.36 -24.01
CA ALA A 147 -3.00 14.05 -23.31
C ALA A 147 -2.38 12.78 -23.84
N GLN A 148 -3.23 11.79 -24.10
CA GLN A 148 -2.71 10.57 -24.63
C GLN A 148 -2.04 10.75 -26.01
N ALA A 149 -2.69 11.52 -26.89
CA ALA A 149 -2.18 11.75 -28.20
C ALA A 149 -0.89 12.54 -28.16
N SER A 150 -0.78 13.49 -27.24
CA SER A 150 0.48 14.17 -27.00
C SER A 150 1.61 13.27 -26.61
N ILE A 151 1.39 12.36 -25.71
CA ILE A 151 2.38 11.40 -25.36
C ILE A 151 2.77 10.50 -26.52
N GLY A 152 1.78 9.94 -27.23
CA GLY A 152 2.07 9.08 -28.33
C GLY A 152 2.90 9.73 -29.41
N LYS A 153 2.51 10.96 -29.80
CA LYS A 153 3.17 11.66 -30.85
C LYS A 153 4.58 12.01 -30.45
N GLN A 154 4.72 12.51 -29.23
CA GLN A 154 6.00 12.90 -28.75
C GLN A 154 6.94 11.65 -28.65
N TRP A 155 6.41 10.50 -28.21
CA TRP A 155 7.20 9.25 -28.16
C TRP A 155 7.73 8.85 -29.53
N LYS A 156 6.86 8.89 -30.53
CA LYS A 156 7.28 8.60 -31.90
C LYS A 156 8.42 9.47 -32.35
N GLU A 157 8.34 10.76 -32.04
CA GLU A 157 9.38 11.69 -32.37
C GLU A 157 10.69 11.34 -31.63
N PHE A 158 10.65 11.08 -30.34
CA PHE A 158 11.83 10.66 -29.61
C PHE A 158 12.51 9.42 -30.24
N LEU A 159 11.70 8.44 -30.67
CA LEU A 159 12.23 7.19 -31.26
C LEU A 159 12.63 7.27 -32.72
N ASP A 160 12.30 8.35 -33.45
CA ASP A 160 12.33 8.30 -34.97
C ASP A 160 11.51 7.13 -35.55
N TYR A 161 10.37 6.85 -34.94
CA TYR A 161 9.54 5.70 -35.32
C TYR A 161 8.60 6.12 -36.44
N ASN A 162 8.51 5.34 -37.49
CA ASN A 162 7.85 5.82 -38.72
C ASN A 162 6.51 5.13 -38.99
N GLU A 163 6.02 4.35 -38.04
CA GLU A 163 4.75 3.63 -38.23
C GLU A 163 3.76 4.14 -37.25
N SER A 164 2.52 3.80 -37.47
CA SER A 164 1.44 4.08 -36.53
C SER A 164 1.58 3.30 -35.25
N ILE A 165 1.22 3.94 -34.18
CA ILE A 165 1.15 3.33 -32.88
C ILE A 165 -0.21 3.52 -32.26
N GLY A 166 -0.62 2.55 -31.45
CA GLY A 166 -1.95 2.47 -30.87
C GLY A 166 -1.94 2.52 -29.37
N PHE A 167 -3.03 3.01 -28.81
CA PHE A 167 -3.32 3.03 -27.39
C PHE A 167 -4.49 2.11 -27.02
N ILE A 168 -4.24 1.23 -26.06
CA ILE A 168 -5.19 0.23 -25.57
C ILE A 168 -5.53 0.51 -24.14
N PHE A 169 -6.77 0.74 -23.87
CA PHE A 169 -7.23 0.93 -22.49
C PHE A 169 -6.99 -0.33 -21.69
N HIS A 170 -6.52 -0.19 -20.48
CA HIS A 170 -6.40 -1.39 -19.53
C HIS A 170 -7.72 -2.09 -19.29
N ASP A 171 -8.82 -1.33 -19.19
CA ASP A 171 -10.14 -1.93 -19.10
C ASP A 171 -10.46 -2.91 -20.23
N ASP A 172 -10.12 -2.52 -21.47
CA ASP A 172 -10.30 -3.38 -22.62
C ASP A 172 -9.32 -4.57 -22.63
N ALA A 173 -8.06 -4.35 -22.32
CA ALA A 173 -7.09 -5.47 -22.22
C ALA A 173 -7.53 -6.52 -21.17
N LYS A 174 -8.05 -6.08 -20.04
CA LYS A 174 -8.59 -7.00 -19.02
C LYS A 174 -9.77 -7.86 -19.50
N LYS A 175 -10.73 -7.26 -20.22
CA LYS A 175 -11.96 -7.92 -20.67
C LYS A 175 -11.73 -8.81 -21.89
N PHE A 176 -11.15 -8.22 -22.92
CA PHE A 176 -10.94 -8.91 -24.19
C PHE A 176 -9.50 -9.17 -23.98
N ASP A 177 -8.84 -9.99 -24.74
CA ASP A 177 -7.46 -10.27 -24.25
C ASP A 177 -6.51 -9.89 -25.37
N ARG A 178 -6.16 -10.84 -26.24
CA ARG A 178 -5.60 -10.57 -27.57
C ARG A 178 -6.55 -9.70 -28.41
N HIS A 179 -7.86 -9.89 -28.20
CA HIS A 179 -8.87 -9.16 -28.97
C HIS A 179 -9.13 -7.66 -28.60
N ALA A 180 -8.40 -7.08 -27.65
CA ALA A 180 -8.57 -5.66 -27.30
C ALA A 180 -8.06 -4.77 -28.44
N LYS A 181 -8.81 -3.73 -28.77
CA LYS A 181 -8.48 -2.96 -29.91
C LYS A 181 -7.87 -1.67 -29.45
N ASN A 182 -7.14 -1.03 -30.38
CA ASN A 182 -6.66 0.31 -30.18
C ASN A 182 -7.85 1.33 -30.13
N LYS A 183 -7.93 2.13 -29.11
CA LYS A 183 -8.90 3.21 -29.07
C LYS A 183 -8.36 4.45 -29.84
N TYR A 184 -7.07 4.75 -29.74
CA TYR A 184 -6.44 5.93 -30.37
C TYR A 184 -5.23 5.43 -31.16
N MET A 185 -4.97 6.12 -32.25
CA MET A 185 -3.82 5.90 -33.02
C MET A 185 -3.22 7.20 -33.45
N VAL A 186 -1.93 7.17 -33.59
CA VAL A 186 -1.19 8.33 -33.92
C VAL A 186 0.05 7.97 -34.81
N ALA B 4 24.10 19.76 35.25
CA ALA B 4 22.94 18.81 35.56
C ALA B 4 22.60 17.76 34.46
N SER B 5 22.64 18.22 33.21
CA SER B 5 22.72 17.34 32.10
C SER B 5 24.15 16.71 32.30
N LEU B 6 25.13 17.36 33.00
CA LEU B 6 26.55 16.84 33.13
C LEU B 6 26.73 15.47 33.68
N VAL B 7 26.00 15.18 34.76
CA VAL B 7 26.11 13.89 35.40
C VAL B 7 25.26 12.79 34.79
N HIS B 8 24.36 13.11 33.84
CA HIS B 8 23.53 12.06 33.18
C HIS B 8 23.45 12.27 31.67
N GLN B 9 24.59 12.25 31.01
CA GLN B 9 24.70 12.49 29.57
C GLN B 9 24.30 11.22 28.82
N PRO B 10 23.58 11.33 27.68
CA PRO B 10 23.28 10.15 26.87
C PRO B 10 24.56 9.58 26.21
N HIS B 11 24.46 8.34 25.71
CA HIS B 11 25.58 7.64 25.17
C HIS B 11 25.22 7.49 23.67
N PRO B 12 25.82 8.34 22.80
CA PRO B 12 25.43 8.29 21.39
C PRO B 12 25.98 7.05 20.71
N LEU B 13 25.26 6.52 19.74
CA LEU B 13 25.73 5.38 18.94
C LEU B 13 26.57 5.93 17.81
N GLU B 14 27.45 5.12 17.22
CA GLU B 14 28.22 5.56 16.04
C GLU B 14 27.24 5.94 14.88
N HIS B 15 26.23 5.13 14.61
CA HIS B 15 25.24 5.42 13.59
C HIS B 15 23.88 5.58 14.26
N SER B 16 22.98 6.24 13.57
CA SER B 16 21.55 6.15 13.87
C SER B 16 20.98 4.90 13.17
N TRP B 17 19.91 4.34 13.73
CA TRP B 17 19.28 3.16 13.20
C TRP B 17 17.77 3.34 13.20
N THR B 18 17.10 2.60 12.34
CA THR B 18 15.68 2.62 12.21
C THR B 18 15.12 1.22 12.25
N PHE B 19 14.13 0.96 13.11
CA PHE B 19 13.31 -0.27 13.03
C PHE B 19 12.22 -0.13 11.97
N TRP B 20 12.00 -1.19 11.20
CA TRP B 20 10.91 -1.27 10.21
C TRP B 20 10.10 -2.54 10.45
N PHE B 21 8.83 -2.53 10.07
CA PHE B 21 7.94 -3.68 10.36
C PHE B 21 7.11 -3.98 9.14
N ASP B 22 7.02 -5.27 8.78
CA ASP B 22 6.10 -5.76 7.76
C ASP B 22 5.16 -6.71 8.47
N ASN B 23 3.89 -6.44 8.33
CA ASN B 23 2.77 -7.02 9.08
C ASN B 23 1.96 -7.90 8.13
N PRO B 24 1.67 -9.16 8.50
CA PRO B 24 0.89 -10.02 7.58
C PRO B 24 -0.58 -9.57 7.42
N SER B 25 -0.96 -9.02 6.26
CA SER B 25 -2.17 -8.14 6.09
C SER B 25 -2.52 -7.15 7.23
N SER B 36 4.68 -3.02 1.52
CA SER B 36 4.15 -3.08 2.89
C SER B 36 5.16 -2.70 4.07
N ILE B 37 6.45 -2.49 3.82
CA ILE B 37 7.39 -2.32 4.94
C ILE B 37 7.37 -0.86 5.46
N ARG B 38 7.06 -0.63 6.74
CA ARG B 38 7.04 0.76 7.30
C ARG B 38 8.05 1.02 8.42
N PRO B 39 8.60 2.26 8.46
CA PRO B 39 9.55 2.57 9.51
C PRO B 39 8.75 2.87 10.75
N ILE B 40 9.19 2.41 11.91
CA ILE B 40 8.46 2.69 13.13
C ILE B 40 9.19 3.58 14.13
N TYR B 41 10.51 3.61 14.11
CA TYR B 41 11.21 4.59 14.90
C TYR B 41 12.69 4.56 14.53
N THR B 42 13.30 5.72 14.64
CA THR B 42 14.71 5.96 14.47
C THR B 42 15.45 6.52 15.68
N PHE B 43 16.48 5.80 16.14
CA PHE B 43 17.13 6.01 17.47
C PHE B 43 18.61 6.32 17.20
N SER B 44 19.21 7.07 18.11
CA SER B 44 20.60 7.46 17.98
C SER B 44 21.41 7.31 19.26
N THR B 45 20.82 6.84 20.35
CA THR B 45 21.52 6.69 21.56
C THR B 45 21.15 5.32 22.16
N VAL B 46 21.96 4.88 23.11
CA VAL B 46 21.75 3.60 23.83
C VAL B 46 20.39 3.63 24.53
N GLU B 47 20.11 4.73 25.22
CA GLU B 47 18.88 4.89 25.95
C GLU B 47 17.68 4.79 24.97
N GLU B 48 17.75 5.45 23.81
CA GLU B 48 16.64 5.39 22.85
C GLU B 48 16.46 3.99 22.26
N PHE B 49 17.58 3.29 21.99
CA PHE B 49 17.51 1.86 21.65
C PHE B 49 16.69 1.07 22.66
N TRP B 50 16.99 1.18 23.95
CA TRP B 50 16.27 0.39 24.94
C TRP B 50 14.80 0.78 25.05
N SER B 51 14.54 2.07 24.97
CA SER B 51 13.20 2.53 25.05
C SER B 51 12.31 1.95 23.89
N VAL B 52 12.83 1.89 22.67
CA VAL B 52 12.06 1.29 21.57
C VAL B 52 12.03 -0.24 21.63
N TYR B 53 13.17 -0.87 21.93
CA TYR B 53 13.21 -2.35 22.05
C TYR B 53 12.24 -2.90 23.12
N ASN B 54 12.14 -2.24 24.26
CA ASN B 54 11.16 -2.61 25.30
C ASN B 54 9.67 -2.34 24.97
N ASN B 55 9.37 -1.65 23.88
CA ASN B 55 7.98 -1.42 23.48
C ASN B 55 7.57 -2.09 22.22
N ILE B 56 8.49 -2.69 21.47
CA ILE B 56 8.11 -3.45 20.29
C ILE B 56 8.16 -4.95 20.72
N HIS B 57 7.30 -5.76 20.13
CA HIS B 57 7.25 -7.17 20.44
C HIS B 57 8.58 -7.85 20.11
N HIS B 58 9.02 -8.73 20.99
CA HIS B 58 10.02 -9.73 20.68
C HIS B 58 9.46 -10.69 19.62
N PRO B 59 10.34 -11.36 18.87
CA PRO B 59 9.89 -12.33 17.86
C PRO B 59 9.01 -13.42 18.35
N SER B 60 9.23 -13.89 19.57
CA SER B 60 8.35 -14.89 20.16
C SER B 60 6.91 -14.43 20.28
N LYS B 61 6.63 -13.12 20.24
CA LYS B 61 5.23 -12.66 20.33
C LYS B 61 4.77 -12.02 19.01
N LEU B 62 5.60 -12.04 17.94
CA LEU B 62 5.17 -11.51 16.65
C LEU B 62 4.31 -12.55 15.98
N ALA B 63 3.36 -12.09 15.19
CA ALA B 63 2.46 -12.96 14.45
C ALA B 63 3.19 -13.68 13.34
N MET B 64 2.65 -14.81 12.93
CA MET B 64 3.16 -15.54 11.78
C MET B 64 3.30 -14.66 10.52
N ARG B 65 4.41 -14.89 9.80
CA ARG B 65 4.79 -14.19 8.58
C ARG B 65 5.23 -12.72 8.80
N ALA B 66 5.38 -12.28 10.04
CA ALA B 66 5.94 -10.95 10.31
C ALA B 66 7.45 -10.86 10.03
N ASP B 67 7.90 -9.71 9.52
CA ASP B 67 9.29 -9.40 9.35
C ASP B 67 9.61 -8.12 10.14
N LEU B 68 10.63 -8.17 10.99
CA LEU B 68 11.03 -7.00 11.75
C LEU B 68 12.47 -6.70 11.40
N TYR B 69 12.72 -5.47 10.95
CA TYR B 69 14.04 -5.09 10.43
C TYR B 69 14.66 -3.99 11.33
N CYS B 70 15.97 -4.00 11.48
CA CYS B 70 16.68 -2.92 12.10
C CYS B 70 17.86 -2.53 11.18
N PHE B 71 17.80 -1.34 10.53
CA PHE B 71 18.75 -0.92 9.51
C PHE B 71 19.33 0.45 9.77
N LYS B 72 20.55 0.66 9.32
CA LYS B 72 21.15 1.95 9.47
C LYS B 72 20.25 3.02 8.85
N HIS B 73 20.28 4.18 9.48
CA HIS B 73 19.53 5.31 9.07
C HIS B 73 19.75 5.61 7.62
N LYS B 74 18.65 5.74 6.89
CA LYS B 74 18.64 6.05 5.44
C LYS B 74 18.87 4.89 4.51
N ILE B 75 19.08 3.71 5.03
CA ILE B 75 19.04 2.53 4.19
C ILE B 75 17.65 1.94 4.33
N GLU B 76 16.93 1.84 3.20
CA GLU B 76 15.69 1.05 3.16
C GLU B 76 15.96 -0.42 3.04
N PRO B 77 15.27 -1.23 3.84
CA PRO B 77 15.48 -2.67 3.83
C PRO B 77 14.75 -3.41 2.72
N LYS B 78 15.27 -3.20 1.54
CA LYS B 78 14.71 -3.79 0.38
C LYS B 78 15.90 -4.11 -0.49
N TRP B 79 15.92 -5.29 -1.04
CA TRP B 79 17.08 -5.66 -1.83
C TRP B 79 17.21 -4.88 -3.15
N GLU B 80 16.17 -4.11 -3.56
CA GLU B 80 16.23 -3.28 -4.74
C GLU B 80 16.85 -1.85 -4.38
N ASP B 81 16.95 -1.51 -3.09
CA ASP B 81 17.60 -0.25 -2.63
C ASP B 81 19.05 -0.18 -3.15
N PRO B 82 19.49 0.96 -3.66
CA PRO B 82 20.84 0.97 -4.31
C PRO B 82 22.04 0.71 -3.36
N VAL B 83 21.89 1.01 -2.06
CA VAL B 83 22.90 0.66 -1.02
C VAL B 83 22.99 -0.85 -0.80
N CYS B 84 21.83 -1.52 -0.74
CA CYS B 84 21.78 -2.96 -0.58
C CYS B 84 22.05 -3.79 -1.78
N ALA B 85 21.86 -3.27 -2.98
CA ALA B 85 21.69 -4.12 -4.15
C ALA B 85 22.90 -5.02 -4.45
N ASN B 86 24.13 -4.53 -4.26
CA ASN B 86 25.37 -5.26 -4.63
C ASN B 86 25.90 -6.02 -3.40
N GLY B 87 25.02 -6.18 -2.42
CA GLY B 87 25.30 -6.88 -1.21
C GLY B 87 24.67 -8.30 -1.14
N GLY B 88 24.44 -8.74 0.06
CA GLY B 88 23.95 -10.08 0.23
C GLY B 88 23.52 -10.27 1.66
N LYS B 89 23.20 -11.52 2.02
CA LYS B 89 22.85 -11.83 3.40
C LYS B 89 23.36 -13.11 3.98
N TRP B 90 23.75 -13.05 5.25
CA TRP B 90 24.11 -14.21 6.06
C TRP B 90 22.85 -14.58 6.82
N THR B 91 22.55 -15.86 6.92
CA THR B 91 21.31 -16.32 7.58
C THR B 91 21.55 -17.43 8.58
N VAL B 92 20.89 -17.32 9.73
CA VAL B 92 20.81 -18.36 10.76
C VAL B 92 19.34 -18.73 10.96
N ASN B 93 19.12 -19.93 11.46
CA ASN B 93 17.77 -20.35 11.86
C ASN B 93 17.65 -20.84 13.29
N PHE B 94 16.46 -20.71 13.83
CA PHE B 94 16.15 -21.05 15.18
C PHE B 94 14.77 -21.73 15.22
N PRO B 95 14.53 -22.66 16.17
CA PRO B 95 13.12 -23.10 16.28
C PRO B 95 12.15 -21.93 16.53
N ARG B 96 10.93 -22.10 16.04
CA ARG B 96 9.84 -21.13 16.19
C ARG B 96 9.72 -20.70 17.64
N GLY B 97 9.84 -19.42 17.93
CA GLY B 97 9.68 -18.96 19.33
C GLY B 97 10.94 -19.01 20.15
N LYS B 98 12.04 -19.39 19.52
CA LYS B 98 13.33 -19.55 20.18
C LYS B 98 14.40 -18.74 19.50
N SER B 99 14.01 -17.57 18.99
CA SER B 99 14.93 -16.68 18.33
C SER B 99 15.18 -15.37 19.06
N ASP B 100 14.58 -15.16 20.22
CA ASP B 100 14.68 -13.85 20.90
C ASP B 100 16.09 -13.44 21.29
N ASN B 101 16.83 -14.34 21.92
CA ASN B 101 18.19 -14.09 22.35
C ASN B 101 19.09 -13.82 21.10
N GLY B 102 18.98 -14.63 20.06
CA GLY B 102 19.76 -14.42 18.86
C GLY B 102 19.47 -13.08 18.18
N TRP B 103 18.22 -12.66 18.19
CA TRP B 103 17.85 -11.33 17.72
C TRP B 103 18.47 -10.21 18.57
N LEU B 104 18.30 -10.29 19.87
CA LEU B 104 18.87 -9.25 20.77
C LEU B 104 20.38 -9.18 20.59
N TYR B 105 21.07 -10.32 20.62
CA TYR B 105 22.51 -10.28 20.42
C TYR B 105 22.93 -9.68 19.09
N THR B 106 22.22 -10.02 18.05
CA THR B 106 22.48 -9.47 16.70
C THR B 106 22.32 -7.94 16.73
N LEU B 107 21.22 -7.45 17.30
CA LEU B 107 21.02 -6.01 17.47
C LEU B 107 22.15 -5.35 18.26
N LEU B 108 22.59 -5.97 19.36
CA LEU B 108 23.59 -5.32 20.18
C LEU B 108 24.95 -5.28 19.50
N ALA B 109 25.25 -6.34 18.76
CA ALA B 109 26.51 -6.44 18.10
C ALA B 109 26.58 -5.38 16.96
N MET B 110 25.48 -5.19 16.24
CA MET B 110 25.40 -4.21 15.15
C MET B 110 25.43 -2.79 15.65
N ILE B 111 24.54 -2.44 16.57
CA ILE B 111 24.49 -1.04 17.00
C ILE B 111 25.75 -0.60 17.82
N GLY B 112 26.35 -1.55 18.55
CA GLY B 112 27.55 -1.30 19.33
C GLY B 112 28.80 -1.31 18.44
N GLU B 113 28.68 -1.55 17.14
CA GLU B 113 29.85 -1.60 16.22
C GLU B 113 30.88 -2.66 16.62
N GLN B 114 30.40 -3.83 17.07
CA GLN B 114 31.25 -4.86 17.60
C GLN B 114 31.80 -5.72 16.52
N PHE B 115 31.29 -5.62 15.31
CA PHE B 115 31.90 -6.39 14.17
C PHE B 115 33.13 -5.70 13.68
N ASP B 116 34.20 -6.47 13.49
CA ASP B 116 35.46 -5.97 12.91
C ASP B 116 35.31 -5.32 11.49
N CYS B 117 34.50 -5.91 10.62
CA CYS B 117 34.17 -5.30 9.32
C CYS B 117 32.74 -4.74 9.35
N GLY B 118 32.38 -4.14 10.47
CA GLY B 118 31.11 -3.52 10.65
C GLY B 118 30.62 -2.47 9.67
N ASP B 119 31.53 -1.79 9.00
CA ASP B 119 31.08 -0.79 8.05
C ASP B 119 30.35 -1.40 6.85
N GLU B 120 30.52 -2.71 6.62
CA GLU B 120 29.79 -3.42 5.58
C GLU B 120 28.37 -3.76 5.98
N ILE B 121 28.02 -3.64 7.24
CA ILE B 121 26.68 -4.04 7.66
C ILE B 121 25.64 -3.02 7.23
N CYS B 122 24.51 -3.45 6.67
CA CYS B 122 23.37 -2.62 6.41
C CYS B 122 22.33 -2.69 7.56
N GLY B 123 22.01 -3.92 8.00
CA GLY B 123 21.04 -4.13 9.03
C GLY B 123 20.79 -5.60 9.22
N ALA B 124 19.76 -5.89 10.00
CA ALA B 124 19.33 -7.22 10.24
C ALA B 124 17.82 -7.32 10.23
N VAL B 125 17.33 -8.56 10.09
CA VAL B 125 15.94 -8.84 10.04
C VAL B 125 15.64 -10.17 10.63
N VAL B 126 14.51 -10.26 11.33
CA VAL B 126 14.01 -11.52 11.84
C VAL B 126 12.73 -11.80 11.10
N ASN B 127 12.61 -13.02 10.61
CA ASN B 127 11.47 -13.53 9.87
C ASN B 127 10.82 -14.58 10.73
N VAL B 128 9.62 -14.30 11.24
CA VAL B 128 8.82 -15.22 11.98
C VAL B 128 7.97 -16.11 11.06
N ARG B 129 8.23 -17.42 11.07
CA ARG B 129 7.54 -18.41 10.23
C ARG B 129 7.22 -19.65 11.09
N SER B 130 6.27 -20.48 10.66
CA SER B 130 5.92 -21.75 11.34
C SER B 130 7.10 -22.69 11.09
N GLY B 131 7.42 -23.51 12.07
CA GLY B 131 8.60 -24.37 11.92
C GLY B 131 9.88 -23.74 12.43
N GLN B 132 10.47 -22.83 11.64
CA GLN B 132 11.76 -22.16 12.00
C GLN B 132 11.61 -20.63 11.88
N ASP B 133 12.19 -19.85 12.79
CA ASP B 133 12.41 -18.44 12.53
C ASP B 133 13.76 -18.28 11.90
N LYS B 134 13.98 -17.21 11.16
CA LYS B 134 15.26 -16.93 10.52
C LYS B 134 15.71 -15.59 11.00
N ILE B 135 17.02 -15.39 11.08
CA ILE B 135 17.57 -14.08 11.20
C ILE B 135 18.63 -13.94 10.12
N SER B 136 18.65 -12.78 9.47
CA SER B 136 19.64 -12.47 8.47
C SER B 136 20.34 -11.15 8.79
N ILE B 137 21.66 -11.11 8.59
CA ILE B 137 22.37 -9.85 8.50
C ILE B 137 22.57 -9.53 7.02
N TRP B 138 22.18 -8.33 6.62
CA TRP B 138 22.32 -7.86 5.26
C TRP B 138 23.56 -7.01 5.20
N THR B 139 24.37 -7.22 4.19
CA THR B 139 25.66 -6.52 4.06
C THR B 139 25.75 -5.94 2.66
N LYS B 140 26.63 -4.97 2.50
CA LYS B 140 26.90 -4.33 1.24
C LYS B 140 28.19 -5.06 0.71
N ASN B 141 28.47 -4.89 -0.57
CA ASN B 141 29.74 -5.37 -1.17
C ASN B 141 30.01 -6.86 -1.06
N ALA B 142 29.10 -7.60 -1.67
CA ALA B 142 29.12 -9.04 -1.67
C ALA B 142 30.46 -9.60 -2.09
N SER B 143 31.10 -8.96 -3.07
CA SER B 143 32.27 -9.52 -3.62
C SER B 143 33.51 -9.36 -2.73
N ASN B 144 33.43 -8.59 -1.63
CA ASN B 144 34.55 -8.54 -0.70
C ASN B 144 34.52 -9.79 0.26
N GLU B 145 35.09 -10.90 -0.19
CA GLU B 145 35.03 -12.16 0.51
C GLU B 145 35.65 -12.13 1.90
N ALA B 146 36.82 -11.55 2.03
CA ALA B 146 37.48 -11.46 3.38
C ALA B 146 36.53 -10.78 4.38
N ALA B 147 35.92 -9.66 4.00
CA ALA B 147 35.06 -8.94 4.94
C ALA B 147 33.79 -9.71 5.24
N GLN B 148 33.20 -10.31 4.21
CA GLN B 148 32.02 -11.11 4.46
C GLN B 148 32.29 -12.26 5.41
N ALA B 149 33.33 -13.02 5.14
CA ALA B 149 33.68 -14.14 5.97
C ALA B 149 33.95 -13.72 7.38
N SER B 150 34.62 -12.57 7.58
CA SER B 150 34.86 -12.06 8.94
C SER B 150 33.56 -11.79 9.66
N ILE B 151 32.58 -11.20 8.98
CA ILE B 151 31.28 -11.00 9.58
C ILE B 151 30.56 -12.31 9.96
N GLY B 152 30.46 -13.21 9.02
CA GLY B 152 29.85 -14.49 9.29
C GLY B 152 30.46 -15.28 10.48
N LYS B 153 31.79 -15.34 10.52
CA LYS B 153 32.49 -16.07 11.57
C LYS B 153 32.25 -15.43 12.92
N GLN B 154 32.41 -14.13 12.96
CA GLN B 154 32.22 -13.42 14.15
C GLN B 154 30.76 -13.52 14.68
N TRP B 155 29.79 -13.45 13.77
CA TRP B 155 28.38 -13.65 14.15
C TRP B 155 28.11 -14.98 14.82
N LYS B 156 28.64 -16.05 14.23
CA LYS B 156 28.54 -17.36 14.84
C LYS B 156 29.09 -17.44 16.22
N GLU B 157 30.26 -16.86 16.44
CA GLU B 157 30.85 -16.80 17.77
C GLU B 157 29.96 -16.01 18.74
N PHE B 158 29.44 -14.85 18.33
CA PHE B 158 28.53 -14.06 19.20
C PHE B 158 27.31 -14.90 19.61
N LEU B 159 26.75 -15.69 18.68
CA LEU B 159 25.57 -16.45 18.94
C LEU B 159 25.82 -17.81 19.58
N ASP B 160 27.07 -18.31 19.73
CA ASP B 160 27.29 -19.71 20.08
C ASP B 160 26.55 -20.68 19.12
N TYR B 161 26.53 -20.32 17.84
CA TYR B 161 25.79 -21.07 16.84
C TYR B 161 26.66 -22.22 16.38
N ASN B 162 26.10 -23.43 16.34
CA ASN B 162 26.92 -24.56 16.12
C ASN B 162 26.79 -25.20 14.72
N GLU B 163 26.14 -24.52 13.79
CA GLU B 163 25.94 -25.03 12.43
C GLU B 163 26.57 -24.10 11.41
N SER B 164 26.70 -24.60 10.19
CA SER B 164 27.14 -23.79 9.05
C SER B 164 26.14 -22.73 8.70
N ILE B 165 26.64 -21.56 8.39
CA ILE B 165 25.81 -20.47 7.87
C ILE B 165 26.36 -20.04 6.50
N GLY B 166 25.43 -19.64 5.62
CA GLY B 166 25.75 -19.27 4.28
C GLY B 166 25.39 -17.84 3.94
N PHE B 167 26.09 -17.32 2.92
CA PHE B 167 25.92 -16.01 2.38
C PHE B 167 25.40 -16.11 0.96
N ILE B 168 24.26 -15.46 0.73
CA ILE B 168 23.59 -15.44 -0.60
C ILE B 168 23.61 -14.05 -1.16
N PHE B 169 24.20 -13.87 -2.33
CA PHE B 169 24.24 -12.57 -3.01
C PHE B 169 22.82 -12.18 -3.41
N HIS B 170 22.41 -10.96 -3.15
CA HIS B 170 21.04 -10.51 -3.60
C HIS B 170 20.86 -10.65 -5.09
N ASP B 171 21.90 -10.36 -5.90
CA ASP B 171 21.82 -10.61 -7.34
C ASP B 171 21.41 -12.02 -7.72
N ASP B 172 21.95 -13.02 -7.03
CA ASP B 172 21.57 -14.41 -7.24
C ASP B 172 20.18 -14.75 -6.69
N ALA B 173 19.82 -14.26 -5.52
CA ALA B 173 18.46 -14.46 -5.01
C ALA B 173 17.40 -13.87 -5.97
N LYS B 174 17.67 -12.70 -6.56
CA LYS B 174 16.74 -12.06 -7.53
C LYS B 174 16.51 -12.95 -8.80
N LYS B 175 17.59 -13.50 -9.36
CA LYS B 175 17.56 -14.29 -10.61
C LYS B 175 17.06 -15.75 -10.43
N PHE B 176 17.65 -16.46 -9.48
CA PHE B 176 17.28 -17.83 -9.14
C PHE B 176 16.51 -17.58 -7.89
N ASP B 177 15.77 -18.50 -7.33
CA ASP B 177 14.93 -18.02 -6.23
C ASP B 177 15.30 -18.85 -4.99
N ARG B 178 14.62 -19.97 -4.74
CA ARG B 178 15.10 -21.07 -3.85
C ARG B 178 16.45 -21.61 -4.34
N HIS B 179 16.66 -21.61 -5.66
CA HIS B 179 17.89 -22.15 -6.28
C HIS B 179 19.18 -21.30 -6.23
N ALA B 180 19.13 -20.13 -5.59
CA ALA B 180 20.34 -19.34 -5.38
C ALA B 180 21.27 -20.09 -4.41
N LYS B 181 22.55 -20.07 -4.71
CA LYS B 181 23.50 -20.85 -3.95
C LYS B 181 24.18 -19.96 -2.96
N ASN B 182 24.62 -20.57 -1.86
CA ASN B 182 25.47 -19.93 -0.92
C ASN B 182 26.80 -19.74 -1.57
N LYS B 183 27.25 -18.51 -1.73
CA LYS B 183 28.53 -18.27 -2.37
C LYS B 183 29.69 -18.44 -1.35
N TYR B 184 29.48 -18.05 -0.07
CA TYR B 184 30.41 -18.29 0.98
C TYR B 184 29.67 -19.06 2.10
N MET B 185 30.45 -19.87 2.82
CA MET B 185 29.99 -20.54 4.04
C MET B 185 31.04 -20.49 5.10
N VAL B 186 30.58 -20.45 6.34
CA VAL B 186 31.50 -20.50 7.47
C VAL B 186 30.86 -21.30 8.61
N ASN C 2 9.24 45.15 20.00
CA ASN C 2 8.74 46.54 20.21
C ASN C 2 7.18 46.60 20.06
N ALA C 3 6.52 47.59 20.69
CA ALA C 3 5.03 47.61 20.90
C ALA C 3 4.26 47.80 19.58
N ALA C 4 3.08 47.19 19.43
CA ALA C 4 2.14 47.53 18.32
C ALA C 4 1.83 49.03 18.31
N SER C 5 1.87 49.66 17.14
CA SER C 5 1.26 50.96 16.96
C SER C 5 -0.29 50.89 16.96
N LEU C 6 -0.91 51.99 17.42
CA LEU C 6 -2.39 52.22 17.34
C LEU C 6 -3.04 51.93 16.00
N VAL C 7 -2.37 52.35 14.93
CA VAL C 7 -2.92 52.18 13.58
C VAL C 7 -2.63 50.84 12.94
N HIS C 8 -1.77 49.99 13.52
CA HIS C 8 -1.48 48.69 12.88
C HIS C 8 -1.44 47.56 13.92
N GLN C 9 -2.54 47.36 14.61
CA GLN C 9 -2.63 46.39 15.72
C GLN C 9 -2.70 44.93 15.23
N PRO C 10 -2.05 44.00 15.94
CA PRO C 10 -2.19 42.58 15.53
C PRO C 10 -3.63 42.10 15.71
N HIS C 11 -3.93 40.99 15.08
CA HIS C 11 -5.28 40.45 15.02
C HIS C 11 -5.21 39.16 15.80
N PRO C 12 -5.62 39.19 17.10
CA PRO C 12 -5.53 37.92 17.91
C PRO C 12 -6.47 36.82 17.42
N LEU C 13 -6.04 35.59 17.55
CA LEU C 13 -6.86 34.46 17.26
C LEU C 13 -7.69 34.12 18.47
N GLU C 14 -8.79 33.41 18.29
CA GLU C 14 -9.59 32.96 19.44
C GLU C 14 -8.77 32.05 20.37
N HIS C 15 -8.02 31.11 19.82
CA HIS C 15 -7.17 30.23 20.59
C HIS C 15 -5.70 30.43 20.17
N SER C 16 -4.76 30.09 21.06
CA SER C 16 -3.37 29.83 20.66
C SER C 16 -3.26 28.43 20.07
N TRP C 17 -2.33 28.26 19.17
CA TRP C 17 -2.09 26.97 18.48
C TRP C 17 -0.60 26.65 18.48
N THR C 18 -0.27 25.35 18.41
CA THR C 18 1.08 24.85 18.42
C THR C 18 1.24 23.86 17.31
N PHE C 19 2.29 24.06 16.49
CA PHE C 19 2.67 23.07 15.52
C PHE C 19 3.58 22.00 16.23
N TRP C 20 3.41 20.73 15.85
CA TRP C 20 4.20 19.60 16.36
C TRP C 20 4.66 18.79 15.21
N PHE C 21 5.77 18.06 15.39
CA PHE C 21 6.36 17.37 14.26
C PHE C 21 6.87 16.03 14.72
N ASP C 22 6.68 15.00 13.91
CA ASP C 22 7.47 13.73 14.02
C ASP C 22 7.74 13.09 12.64
N ASN C 23 8.83 12.33 12.55
CA ASN C 23 9.05 11.42 11.47
C ASN C 23 9.79 10.14 11.95
N PRO C 24 9.17 8.95 11.77
CA PRO C 24 9.85 7.71 12.24
C PRO C 24 11.08 7.33 11.48
N SER C 25 11.35 7.96 10.33
CA SER C 25 12.58 7.72 9.52
C SER C 25 13.72 8.73 9.70
N ALA C 26 13.49 9.81 10.47
CA ALA C 26 14.43 10.92 10.57
C ALA C 26 15.15 10.85 11.92
N LYS C 27 16.44 11.24 11.89
CA LYS C 27 17.21 11.44 13.11
C LYS C 27 16.58 12.61 13.79
N SER C 28 16.55 12.58 15.10
CA SER C 28 16.06 13.78 15.80
C SER C 28 16.62 13.79 17.20
N LYS C 29 16.22 14.83 17.92
CA LYS C 29 16.75 15.09 19.26
C LYS C 29 16.28 13.85 20.02
N GLN C 30 17.00 13.48 21.05
CA GLN C 30 16.73 12.24 21.76
C GLN C 30 15.34 12.37 22.40
N ALA C 31 14.45 11.47 22.01
CA ALA C 31 13.13 11.29 22.58
C ALA C 31 13.05 9.86 23.13
N THR C 32 11.91 9.52 23.69
CA THR C 32 11.58 8.16 24.11
C THR C 32 10.32 7.74 23.35
N TRP C 33 10.17 6.42 23.23
CA TRP C 33 8.94 5.75 22.78
C TRP C 33 7.69 6.44 23.41
N GLY C 34 6.76 6.84 22.52
CA GLY C 34 5.52 7.58 22.91
C GLY C 34 5.67 9.06 23.32
N ALA C 35 6.81 9.65 23.05
CA ALA C 35 7.06 11.01 23.37
C ALA C 35 8.05 11.54 22.36
N SER C 36 7.88 11.12 21.08
CA SER C 36 8.74 11.61 19.98
C SER C 36 8.09 12.65 19.11
N ILE C 37 6.79 12.90 19.30
CA ILE C 37 6.12 14.00 18.64
C ILE C 37 6.46 15.26 19.41
N ARG C 38 7.15 16.21 18.79
CA ARG C 38 7.73 17.40 19.53
C ARG C 38 7.04 18.71 19.10
N PRO C 39 6.76 19.61 20.07
CA PRO C 39 6.25 20.89 19.70
C PRO C 39 7.32 21.73 19.10
N ILE C 40 7.03 22.48 18.03
CA ILE C 40 8.06 23.34 17.39
C ILE C 40 7.81 24.85 17.30
N TYR C 41 6.54 25.29 17.23
CA TYR C 41 6.17 26.71 17.17
C TYR C 41 4.78 26.88 17.78
N THR C 42 4.61 27.88 18.63
CA THR C 42 3.32 28.35 19.12
C THR C 42 2.99 29.73 18.44
N PHE C 43 1.72 29.99 18.12
CA PHE C 43 1.29 31.31 17.62
C PHE C 43 -0.09 31.66 18.17
N SER C 44 -0.35 32.96 18.34
CA SER C 44 -1.63 33.47 18.94
C SER C 44 -2.24 34.60 18.13
N THR C 45 -1.64 35.01 17.03
CA THR C 45 -2.19 36.06 16.18
C THR C 45 -2.11 35.61 14.69
N VAL C 46 -2.83 36.32 13.82
CA VAL C 46 -2.84 36.05 12.39
C VAL C 46 -1.41 36.25 11.84
N GLU C 47 -0.77 37.34 12.26
CA GLU C 47 0.60 37.70 11.84
C GLU C 47 1.60 36.64 12.27
N GLU C 48 1.51 36.17 13.52
CA GLU C 48 2.38 35.09 13.94
C GLU C 48 2.12 33.78 13.18
N PHE C 49 0.84 33.44 12.93
CA PHE C 49 0.51 32.27 12.07
C PHE C 49 1.29 32.35 10.74
N TRP C 50 1.16 33.46 9.99
CA TRP C 50 1.88 33.59 8.69
C TRP C 50 3.40 33.53 8.83
N SER C 51 3.93 34.19 9.84
CA SER C 51 5.35 34.16 10.09
C SER C 51 5.90 32.71 10.37
N VAL C 52 5.17 31.93 11.14
CA VAL C 52 5.50 30.53 11.39
C VAL C 52 5.25 29.65 10.16
N TYR C 53 4.11 29.82 9.54
CA TYR C 53 3.82 29.02 8.35
C TYR C 53 4.88 29.18 7.25
N ASN C 54 5.35 30.41 7.05
CA ASN C 54 6.34 30.68 6.01
C ASN C 54 7.75 30.19 6.37
N ASN C 55 7.97 29.73 7.59
CA ASN C 55 9.22 29.11 8.01
C ASN C 55 9.15 27.60 8.25
N ILE C 56 7.99 26.97 8.16
CA ILE C 56 7.89 25.51 8.19
C ILE C 56 7.69 25.05 6.76
N HIS C 57 8.26 23.91 6.41
CA HIS C 57 8.09 23.36 5.07
C HIS C 57 6.62 23.05 4.82
N HIS C 58 6.17 23.34 3.61
CA HIS C 58 4.89 22.86 3.10
C HIS C 58 5.01 21.35 2.88
N PRO C 59 3.90 20.65 2.94
CA PRO C 59 3.94 19.21 2.79
C PRO C 59 4.62 18.73 1.55
N SER C 60 4.49 19.46 0.46
CA SER C 60 5.24 19.13 -0.75
C SER C 60 6.75 19.12 -0.55
N LYS C 61 7.29 19.75 0.48
CA LYS C 61 8.74 19.66 0.71
C LYS C 61 9.10 18.92 2.00
N LEU C 62 8.13 18.32 2.72
CA LEU C 62 8.44 17.47 3.86
C LEU C 62 8.93 16.13 3.35
N ALA C 63 9.82 15.53 4.11
CA ALA C 63 10.35 14.22 3.80
C ALA C 63 9.28 13.15 3.97
N MET C 64 9.48 12.03 3.29
CA MET C 64 8.61 10.85 3.45
C MET C 64 8.46 10.42 4.91
N ARG C 65 7.24 10.02 5.25
CA ARG C 65 6.81 9.58 6.58
C ARG C 65 6.71 10.68 7.64
N ALA C 66 6.86 11.94 7.25
CA ALA C 66 6.73 13.03 8.18
C ALA C 66 5.26 13.27 8.56
N ASP C 67 5.04 13.57 9.83
CA ASP C 67 3.73 13.95 10.33
C ASP C 67 3.81 15.37 10.93
N LEU C 68 3.01 16.30 10.38
CA LEU C 68 3.04 17.69 10.90
C LEU C 68 1.65 18.00 11.46
N TYR C 69 1.61 18.35 12.70
CA TYR C 69 0.39 18.60 13.43
C TYR C 69 0.22 20.09 13.75
N CYS C 70 -1.02 20.58 13.78
CA CYS C 70 -1.33 21.91 14.33
C CYS C 70 -2.51 21.79 15.30
N PHE C 71 -2.28 21.94 16.59
CA PHE C 71 -3.29 21.66 17.58
C PHE C 71 -3.47 22.86 18.50
N LYS C 72 -4.68 22.97 19.07
CA LYS C 72 -4.90 23.96 20.10
C LYS C 72 -3.91 23.87 21.23
N HIS C 73 -3.52 25.04 21.71
CA HIS C 73 -2.55 25.13 22.78
C HIS C 73 -2.97 24.24 23.95
N LYS C 74 -2.03 23.46 24.44
CA LYS C 74 -2.24 22.52 25.56
C LYS C 74 -3.04 21.24 25.28
N ILE C 75 -3.44 21.01 24.05
CA ILE C 75 -3.82 19.68 23.63
C ILE C 75 -2.60 19.05 22.99
N GLU C 76 -2.16 17.96 23.55
CA GLU C 76 -1.17 17.13 22.90
C GLU C 76 -1.79 16.19 21.84
N PRO C 77 -1.14 16.01 20.70
CA PRO C 77 -1.69 15.23 19.64
C PRO C 77 -1.43 13.73 19.84
N LYS C 78 -2.15 13.15 20.81
CA LYS C 78 -2.07 11.77 21.21
C LYS C 78 -3.46 11.30 21.67
N TRP C 79 -3.87 10.11 21.25
CA TRP C 79 -5.13 9.50 21.67
C TRP C 79 -5.37 9.48 23.18
N GLU C 80 -4.32 9.53 23.97
CA GLU C 80 -4.41 9.36 25.43
C GLU C 80 -4.60 10.71 26.14
N ASP C 81 -4.36 11.82 25.44
CA ASP C 81 -4.59 13.16 25.94
C ASP C 81 -6.05 13.29 26.40
N PRO C 82 -6.28 13.94 27.55
CA PRO C 82 -7.70 13.81 28.12
C PRO C 82 -8.76 14.55 27.31
N VAL C 83 -8.36 15.59 26.58
CA VAL C 83 -9.27 16.26 25.65
C VAL C 83 -9.57 15.39 24.39
N CYS C 84 -8.58 14.66 23.88
CA CYS C 84 -8.76 13.80 22.71
C CYS C 84 -9.39 12.44 23.02
N ALA C 85 -9.38 11.99 24.25
CA ALA C 85 -9.59 10.58 24.52
C ALA C 85 -10.90 9.94 24.02
N ASN C 86 -11.99 10.72 24.07
CA ASN C 86 -13.30 10.26 23.62
C ASN C 86 -13.65 10.81 22.23
N GLY C 87 -12.63 11.18 21.47
CA GLY C 87 -12.79 11.75 20.20
C GLY C 87 -12.47 10.86 19.04
N GLY C 88 -12.21 11.47 17.91
CA GLY C 88 -11.94 10.74 16.70
C GLY C 88 -11.38 11.60 15.63
N LYS C 89 -11.26 11.07 14.43
CA LYS C 89 -10.72 11.89 13.30
C LYS C 89 -11.43 11.69 11.97
N TRP C 90 -11.61 12.78 11.22
CA TRP C 90 -12.01 12.74 9.81
C TRP C 90 -10.76 12.76 8.98
N THR C 91 -10.76 12.04 7.85
CA THR C 91 -9.56 11.95 7.00
C THR C 91 -9.85 12.12 5.51
N VAL C 92 -9.01 12.92 4.86
CA VAL C 92 -9.02 13.07 3.42
C VAL C 92 -7.69 12.59 2.88
N ASN C 93 -7.66 12.27 1.59
CA ASN C 93 -6.38 12.10 0.92
C ASN C 93 -6.16 12.90 -0.37
N PHE C 94 -4.91 13.05 -0.76
CA PHE C 94 -4.50 13.84 -1.91
C PHE C 94 -3.33 13.15 -2.55
N PRO C 95 -3.14 13.31 -3.87
CA PRO C 95 -1.89 12.77 -4.42
C PRO C 95 -0.64 13.39 -3.76
N ARG C 96 0.39 12.61 -3.68
CA ARG C 96 1.66 12.99 -3.12
C ARG C 96 2.15 14.30 -3.69
N GLY C 97 2.41 15.28 -2.83
CA GLY C 97 2.89 16.55 -3.34
C GLY C 97 1.78 17.49 -3.88
N LYS C 98 0.50 17.10 -3.74
CA LYS C 98 -0.65 17.92 -4.15
C LYS C 98 -1.59 18.17 -2.99
N SER C 99 -1.03 18.34 -1.78
CA SER C 99 -1.82 18.52 -0.62
C SER C 99 -1.65 19.88 0.01
N ASP C 100 -0.81 20.73 -0.55
CA ASP C 100 -0.48 22.03 0.10
C ASP C 100 -1.67 22.93 0.31
N ASN C 101 -2.50 23.07 -0.73
CA ASN C 101 -3.67 23.90 -0.68
C ASN C 101 -4.72 23.34 0.29
N GLY C 102 -4.97 22.06 0.27
CA GLY C 102 -5.88 21.44 1.29
C GLY C 102 -5.38 21.62 2.71
N TRP C 103 -4.08 21.53 2.93
CA TRP C 103 -3.52 21.78 4.26
C TRP C 103 -3.70 23.24 4.71
N LEU C 104 -3.31 24.18 3.86
CA LEU C 104 -3.55 25.61 4.14
C LEU C 104 -4.98 25.91 4.42
N TYR C 105 -5.91 25.43 3.61
CA TYR C 105 -7.32 25.66 3.89
C TYR C 105 -7.83 25.09 5.19
N THR C 106 -7.35 23.91 5.53
CA THR C 106 -7.64 23.27 6.78
C THR C 106 -7.14 24.10 7.96
N LEU C 107 -5.87 24.54 7.88
CA LEU C 107 -5.34 25.48 8.88
C LEU C 107 -6.17 26.76 9.02
N LEU C 108 -6.53 27.40 7.92
CA LEU C 108 -7.21 28.66 8.02
C LEU C 108 -8.63 28.51 8.58
N ALA C 109 -9.29 27.40 8.24
CA ALA C 109 -10.61 27.14 8.69
C ALA C 109 -10.61 26.92 10.20
N MET C 110 -9.61 26.19 10.70
CA MET C 110 -9.49 25.92 12.11
C MET C 110 -9.14 27.16 12.87
N ILE C 111 -8.07 27.85 12.49
CA ILE C 111 -7.59 28.96 13.36
C ILE C 111 -8.52 30.20 13.28
N GLY C 112 -9.21 30.36 12.14
CA GLY C 112 -10.25 31.38 11.99
C GLY C 112 -11.59 31.00 12.62
N GLU C 113 -11.71 29.83 13.25
CA GLU C 113 -12.97 29.41 13.92
C GLU C 113 -14.14 29.45 12.94
N GLN C 114 -13.90 28.96 11.72
CA GLN C 114 -14.89 28.92 10.66
C GLN C 114 -15.79 27.66 10.64
N PHE C 115 -15.51 26.65 11.45
CA PHE C 115 -16.41 25.52 11.57
C PHE C 115 -17.57 25.79 12.54
N ASP C 116 -18.76 25.38 12.13
CA ASP C 116 -19.93 25.24 13.01
C ASP C 116 -19.50 24.12 13.99
N CYS C 117 -19.83 24.19 15.26
CA CYS C 117 -19.31 23.25 16.19
C CYS C 117 -17.78 23.22 16.32
N GLY C 118 -17.12 24.35 16.01
CA GLY C 118 -15.65 24.47 16.08
C GLY C 118 -15.05 24.26 17.43
N ASP C 119 -15.82 24.37 18.47
CA ASP C 119 -15.32 23.97 19.79
C ASP C 119 -14.93 22.46 19.88
N GLU C 120 -15.48 21.59 19.04
CA GLU C 120 -15.15 20.20 19.02
C GLU C 120 -13.77 19.95 18.38
N ILE C 121 -13.20 20.90 17.66
CA ILE C 121 -11.95 20.67 17.00
C ILE C 121 -10.74 20.70 17.95
N CYS C 122 -9.87 19.71 17.84
CA CYS C 122 -8.62 19.66 18.62
C CYS C 122 -7.46 20.14 17.78
N GLY C 123 -7.37 19.68 16.52
CA GLY C 123 -6.30 20.09 15.65
C GLY C 123 -6.35 19.28 14.38
N ALA C 124 -5.32 19.46 13.56
CA ALA C 124 -5.19 18.74 12.30
C ALA C 124 -3.80 18.25 12.10
N VAL C 125 -3.66 17.28 11.20
CA VAL C 125 -2.41 16.71 10.88
C VAL C 125 -2.33 16.39 9.40
N VAL C 126 -1.13 16.57 8.83
CA VAL C 126 -0.85 16.09 7.50
C VAL C 126 0.22 15.00 7.62
N ASN C 127 -0.04 13.87 6.96
CA ASN C 127 0.79 12.72 6.92
C ASN C 127 1.34 12.61 5.49
N VAL C 128 2.64 12.83 5.35
CA VAL C 128 3.30 12.70 4.08
C VAL C 128 3.74 11.27 3.86
N ARG C 129 3.22 10.63 2.80
CA ARG C 129 3.55 9.24 2.41
C ARG C 129 3.76 9.19 0.90
N SER C 130 4.42 8.16 0.41
CA SER C 130 4.53 7.90 -1.01
C SER C 130 3.13 7.48 -1.50
N GLY C 131 2.79 7.80 -2.73
CA GLY C 131 1.44 7.48 -3.24
C GLY C 131 0.40 8.56 -2.95
N GLN C 132 -0.09 8.62 -1.71
CA GLN C 132 -1.07 9.59 -1.26
C GLN C 132 -0.58 10.32 0.03
N ASP C 133 -0.81 11.61 0.14
CA ASP C 133 -0.73 12.33 1.46
C ASP C 133 -2.13 12.28 2.11
N LYS C 134 -2.19 12.33 3.40
CA LYS C 134 -3.44 12.27 4.15
C LYS C 134 -3.50 13.49 5.02
N ILE C 135 -4.71 14.01 5.23
CA ILE C 135 -4.90 15.05 6.21
C ILE C 135 -6.05 14.62 7.09
N SER C 136 -5.93 14.84 8.36
CA SER C 136 -6.97 14.50 9.30
C SER C 136 -7.30 15.61 10.22
N ILE C 137 -8.59 15.77 10.52
CA ILE C 137 -8.99 16.69 11.59
C ILE C 137 -9.40 15.86 12.76
N TRP C 138 -8.76 16.13 13.91
CA TRP C 138 -9.05 15.41 15.14
C TRP C 138 -10.10 16.20 15.88
N THR C 139 -11.11 15.52 16.38
CA THR C 139 -12.18 16.16 17.17
C THR C 139 -12.34 15.46 18.53
N LYS C 140 -13.10 16.10 19.41
CA LYS C 140 -13.44 15.60 20.77
C LYS C 140 -14.48 14.62 21.28
N ASN C 141 -15.69 14.70 20.82
CA ASN C 141 -16.83 13.98 21.49
C ASN C 141 -17.36 13.18 20.31
N ALA C 142 -16.67 12.10 20.01
CA ALA C 142 -16.98 11.22 18.91
C ALA C 142 -18.47 10.87 18.86
N SER C 143 -19.10 10.66 20.02
CA SER C 143 -20.46 10.19 20.03
C SER C 143 -21.49 11.32 19.69
N ASN C 144 -21.07 12.59 19.57
CA ASN C 144 -21.99 13.65 19.11
C ASN C 144 -22.06 13.66 17.57
N GLU C 145 -22.95 12.84 17.03
CA GLU C 145 -22.98 12.58 15.58
C GLU C 145 -23.34 13.84 14.80
N ALA C 146 -24.34 14.58 15.25
CA ALA C 146 -24.74 15.85 14.54
C ALA C 146 -23.57 16.79 14.38
N ALA C 147 -22.80 17.01 15.44
CA ALA C 147 -21.64 17.89 15.35
C ALA C 147 -20.57 17.30 14.44
N GLN C 148 -20.28 16.01 14.59
CA GLN C 148 -19.22 15.44 13.78
C GLN C 148 -19.56 15.53 12.31
N ALA C 149 -20.77 15.09 11.96
CA ALA C 149 -21.22 15.15 10.58
C ALA C 149 -21.18 16.55 10.03
N SER C 150 -21.55 17.54 10.85
CA SER C 150 -21.37 18.92 10.41
C SER C 150 -19.90 19.21 10.04
N ILE C 151 -18.96 18.83 10.88
CA ILE C 151 -17.56 19.15 10.65
C ILE C 151 -17.06 18.45 9.39
N GLY C 152 -17.36 17.17 9.24
CA GLY C 152 -17.03 16.47 8.06
C GLY C 152 -17.55 17.11 6.77
N LYS C 153 -18.84 17.44 6.77
CA LYS C 153 -19.47 18.03 5.60
C LYS C 153 -18.90 19.39 5.27
N GLN C 154 -18.74 20.20 6.30
CA GLN C 154 -18.25 21.49 6.12
C GLN C 154 -16.80 21.46 5.60
N TRP C 155 -16.00 20.54 6.12
CA TRP C 155 -14.66 20.39 5.64
C TRP C 155 -14.60 20.03 4.17
N LYS C 156 -15.40 19.06 3.75
CA LYS C 156 -15.51 18.76 2.32
C LYS C 156 -15.83 19.98 1.45
N GLU C 157 -16.74 20.79 1.91
CA GLU C 157 -17.09 22.02 1.22
C GLU C 157 -15.90 22.94 1.15
N PHE C 158 -15.21 23.18 2.26
CA PHE C 158 -14.10 24.11 2.24
C PHE C 158 -13.07 23.66 1.23
N LEU C 159 -12.82 22.35 1.16
CA LEU C 159 -11.81 21.80 0.27
C LEU C 159 -12.23 21.51 -1.13
N ASP C 160 -13.52 21.63 -1.48
CA ASP C 160 -14.00 21.16 -2.81
C ASP C 160 -13.67 19.67 -3.07
N TYR C 161 -13.79 18.88 -2.04
CA TYR C 161 -13.38 17.50 -2.09
C TYR C 161 -14.57 16.71 -2.57
N ASN C 162 -14.35 15.81 -3.52
CA ASN C 162 -15.46 15.19 -4.21
C ASN C 162 -15.59 13.66 -3.91
N GLU C 163 -14.92 13.17 -2.89
CA GLU C 163 -15.06 11.79 -2.48
C GLU C 163 -15.57 11.69 -1.04
N SER C 164 -15.94 10.49 -0.65
CA SER C 164 -16.41 10.21 0.70
C SER C 164 -15.29 10.31 1.66
N ILE C 165 -15.58 10.87 2.83
CA ILE C 165 -14.66 10.88 3.91
C ILE C 165 -15.30 10.16 5.11
N GLY C 166 -14.46 9.49 5.89
CA GLY C 166 -14.90 8.76 7.05
C GLY C 166 -14.34 9.30 8.34
N PHE C 167 -15.08 9.01 9.40
CA PHE C 167 -14.69 9.33 10.77
C PHE C 167 -14.41 8.03 11.56
N ILE C 168 -13.24 8.01 12.17
CA ILE C 168 -12.75 6.88 12.94
C ILE C 168 -12.59 7.32 14.40
N PHE C 169 -13.32 6.68 15.30
CA PHE C 169 -13.15 6.85 16.73
C PHE C 169 -11.73 6.45 17.18
N HIS C 170 -11.08 7.28 17.98
CA HIS C 170 -9.77 6.92 18.55
C HIS C 170 -9.80 5.62 19.28
N ASP C 171 -10.87 5.35 20.02
CA ASP C 171 -11.02 4.05 20.69
C ASP C 171 -10.92 2.84 19.76
N ASP C 172 -11.51 2.94 18.56
CA ASP C 172 -11.42 1.90 17.52
C ASP C 172 -10.04 1.85 16.86
N ALA C 173 -9.44 2.98 16.56
CA ALA C 173 -8.07 2.99 16.07
C ALA C 173 -7.09 2.24 17.01
N LYS C 174 -7.45 2.06 18.29
CA LYS C 174 -6.58 1.29 19.19
C LYS C 174 -6.70 -0.24 19.03
N LYS C 175 -7.91 -0.79 19.27
CA LYS C 175 -8.23 -2.22 19.32
C LYS C 175 -8.95 -2.69 18.10
N HIS C 179 -7.27 -2.01 10.65
CA HIS C 179 -8.61 -2.65 10.72
C HIS C 179 -9.81 -1.83 11.31
N ALA C 180 -9.57 -0.62 11.81
CA ALA C 180 -10.65 0.20 12.41
C ALA C 180 -11.61 0.73 11.32
N LYS C 181 -12.90 0.73 11.61
CA LYS C 181 -13.91 0.97 10.62
C LYS C 181 -14.43 2.39 10.84
N ASN C 182 -14.88 3.01 9.75
CA ASN C 182 -15.48 4.34 9.78
C ASN C 182 -16.83 4.27 10.43
N LYS C 183 -17.05 5.04 11.48
CA LYS C 183 -18.34 5.03 12.17
C LYS C 183 -19.33 5.95 11.48
N TYR C 184 -18.84 7.09 10.92
CA TYR C 184 -19.65 7.99 10.16
C TYR C 184 -18.97 8.19 8.81
N MET C 185 -19.80 8.50 7.79
CA MET C 185 -19.33 8.92 6.48
C MET C 185 -20.17 10.03 5.90
N VAL C 186 -19.50 10.93 5.19
CA VAL C 186 -20.21 12.03 4.57
C VAL C 186 -19.58 12.28 3.19
N ASN D 2 -6.50 -12.94 -42.38
CA ASN D 2 -7.84 -12.46 -41.86
C ASN D 2 -8.23 -13.07 -40.59
N ALA D 3 -8.78 -12.27 -39.72
CA ALA D 3 -9.04 -12.80 -38.42
C ALA D 3 -10.53 -12.89 -38.05
N ALA D 4 -11.10 -14.09 -38.03
CA ALA D 4 -12.34 -14.29 -37.25
C ALA D 4 -12.39 -15.11 -35.88
N SER D 5 -12.33 -14.54 -34.65
CA SER D 5 -12.45 -13.11 -34.13
C SER D 5 -13.85 -12.45 -34.30
N LEU D 6 -14.27 -12.31 -35.57
CA LEU D 6 -15.52 -11.74 -35.97
C LEU D 6 -16.62 -12.61 -35.52
N VAL D 7 -16.40 -13.93 -35.53
CA VAL D 7 -17.46 -14.90 -35.17
C VAL D 7 -17.48 -15.53 -33.77
N HIS D 8 -16.36 -15.59 -33.06
CA HIS D 8 -16.29 -16.31 -31.78
C HIS D 8 -15.54 -15.47 -30.74
N GLN D 9 -16.05 -14.27 -30.50
CA GLN D 9 -15.47 -13.30 -29.56
C GLN D 9 -15.88 -13.74 -28.15
N PRO D 10 -14.98 -13.57 -27.14
CA PRO D 10 -15.48 -13.73 -25.77
C PRO D 10 -16.54 -12.65 -25.40
N HIS D 11 -17.28 -12.94 -24.35
CA HIS D 11 -18.40 -12.10 -23.91
C HIS D 11 -17.98 -11.54 -22.54
N PRO D 12 -17.50 -10.29 -22.52
CA PRO D 12 -17.01 -9.77 -21.24
C PRO D 12 -18.13 -9.53 -20.25
N LEU D 13 -17.81 -9.69 -19.00
CA LEU D 13 -18.72 -9.38 -17.93
C LEU D 13 -18.59 -7.91 -17.59
N GLU D 14 -19.62 -7.34 -16.98
CA GLU D 14 -19.56 -5.97 -16.54
C GLU D 14 -18.43 -5.78 -15.52
N HIS D 15 -18.31 -6.70 -14.56
CA HIS D 15 -17.24 -6.66 -13.54
C HIS D 15 -16.39 -7.91 -13.68
N SER D 16 -15.18 -7.85 -13.15
CA SER D 16 -14.39 -9.05 -12.86
C SER D 16 -14.81 -9.56 -11.49
N TRP D 17 -14.66 -10.87 -11.29
CA TRP D 17 -15.04 -11.52 -10.06
C TRP D 17 -13.95 -12.48 -9.63
N THR D 18 -13.90 -12.77 -8.34
CA THR D 18 -12.90 -13.66 -7.75
C THR D 18 -13.60 -14.64 -6.83
N PHE D 19 -13.30 -15.93 -6.99
CA PHE D 19 -13.69 -16.96 -6.04
C PHE D 19 -12.66 -16.98 -4.91
N TRP D 20 -13.17 -17.14 -3.68
CA TRP D 20 -12.34 -17.30 -2.46
C TRP D 20 -12.80 -18.58 -1.74
N PHE D 21 -11.91 -19.22 -0.98
CA PHE D 21 -12.23 -20.48 -0.31
C PHE D 21 -11.65 -20.47 1.11
N ASP D 22 -12.45 -20.94 2.08
CA ASP D 22 -12.05 -21.16 3.47
C ASP D 22 -12.27 -22.65 3.78
N ASN D 23 -11.30 -23.32 4.38
CA ASN D 23 -11.20 -24.80 4.49
C ASN D 23 -11.46 -25.14 5.99
N PRO D 24 -11.27 -26.43 6.43
CA PRO D 24 -10.82 -26.54 7.85
C PRO D 24 -9.44 -25.91 8.05
N ILE D 37 -9.28 -16.97 4.75
CA ILE D 37 -9.96 -16.98 3.47
C ILE D 37 -9.00 -16.63 2.33
N ARG D 38 -8.85 -17.49 1.32
CA ARG D 38 -7.86 -17.28 0.22
C ARG D 38 -8.48 -17.13 -1.16
N PRO D 39 -7.97 -16.20 -1.99
CA PRO D 39 -8.52 -16.07 -3.34
C PRO D 39 -7.98 -17.21 -4.19
N ILE D 40 -8.82 -17.81 -5.04
CA ILE D 40 -8.35 -18.95 -5.83
C ILE D 40 -8.43 -18.80 -7.36
N TYR D 41 -9.40 -18.04 -7.87
CA TYR D 41 -9.62 -17.84 -9.32
C TYR D 41 -10.29 -16.50 -9.52
N THR D 42 -9.77 -15.73 -10.45
CA THR D 42 -10.43 -14.51 -10.96
C THR D 42 -10.94 -14.81 -12.40
N PHE D 43 -12.05 -14.19 -12.80
CA PHE D 43 -12.54 -14.28 -14.17
C PHE D 43 -13.23 -13.01 -14.60
N SER D 44 -13.22 -12.75 -15.92
CA SER D 44 -13.79 -11.54 -16.48
C SER D 44 -14.73 -11.75 -17.64
N THR D 45 -14.90 -12.97 -18.08
CA THR D 45 -15.73 -13.24 -19.24
C THR D 45 -16.62 -14.41 -18.88
N VAL D 46 -17.69 -14.61 -19.67
CA VAL D 46 -18.61 -15.73 -19.52
C VAL D 46 -17.84 -17.06 -19.68
N GLU D 47 -17.01 -17.15 -20.70
CA GLU D 47 -16.20 -18.33 -20.99
C GLU D 47 -15.22 -18.65 -19.82
N GLU D 48 -14.52 -17.65 -19.26
CA GLU D 48 -13.75 -18.02 -18.08
C GLU D 48 -14.52 -18.34 -16.83
N PHE D 49 -15.65 -17.68 -16.60
CA PHE D 49 -16.57 -18.17 -15.54
C PHE D 49 -16.81 -19.68 -15.67
N TRP D 50 -17.25 -20.17 -16.84
CA TRP D 50 -17.56 -21.61 -16.98
C TRP D 50 -16.34 -22.47 -16.80
N SER D 51 -15.22 -22.01 -17.34
CA SER D 51 -13.98 -22.76 -17.20
C SER D 51 -13.54 -22.91 -15.71
N VAL D 52 -13.69 -21.86 -14.94
CA VAL D 52 -13.41 -21.91 -13.51
C VAL D 52 -14.48 -22.74 -12.76
N TYR D 53 -15.75 -22.48 -13.06
CA TYR D 53 -16.85 -23.17 -12.34
C TYR D 53 -16.75 -24.68 -12.52
N ASN D 54 -16.40 -25.14 -13.73
CA ASN D 54 -16.25 -26.56 -14.01
C ASN D 54 -14.99 -27.19 -13.37
N ASN D 55 -14.08 -26.40 -12.79
CA ASN D 55 -12.91 -26.92 -12.07
C ASN D 55 -12.95 -26.72 -10.57
N ILE D 56 -13.93 -26.03 -10.04
CA ILE D 56 -14.13 -25.96 -8.60
C ILE D 56 -15.20 -27.00 -8.31
N HIS D 57 -15.10 -27.65 -7.16
CA HIS D 57 -16.18 -28.48 -6.66
C HIS D 57 -17.49 -27.70 -6.48
N HIS D 58 -18.58 -28.32 -6.90
CA HIS D 58 -19.92 -27.89 -6.49
C HIS D 58 -20.12 -28.11 -4.99
N PRO D 59 -20.99 -27.34 -4.36
CA PRO D 59 -21.24 -27.51 -2.90
C PRO D 59 -21.58 -28.90 -2.45
N SER D 60 -22.29 -29.67 -3.29
CA SER D 60 -22.56 -31.06 -2.97
C SER D 60 -21.29 -31.90 -2.81
N LYS D 61 -20.14 -31.46 -3.32
CA LYS D 61 -18.89 -32.23 -3.12
C LYS D 61 -17.87 -31.50 -2.24
N LEU D 62 -18.21 -30.35 -1.66
CA LEU D 62 -17.29 -29.65 -0.76
C LEU D 62 -17.36 -30.34 0.56
N ALA D 63 -16.24 -30.32 1.26
CA ALA D 63 -16.13 -30.92 2.60
C ALA D 63 -16.92 -30.09 3.62
N MET D 64 -17.35 -30.76 4.68
CA MET D 64 -18.05 -30.09 5.79
C MET D 64 -17.28 -28.88 6.35
N ARG D 65 -18.05 -27.84 6.68
CA ARG D 65 -17.56 -26.54 7.15
C ARG D 65 -16.82 -25.65 6.12
N ALA D 66 -16.83 -26.02 4.83
CA ALA D 66 -16.22 -25.21 3.79
C ALA D 66 -17.09 -24.00 3.47
N ASP D 67 -16.44 -22.88 3.22
CA ASP D 67 -17.13 -21.67 2.74
C ASP D 67 -16.53 -21.33 1.36
N LEU D 68 -17.37 -21.17 0.34
CA LEU D 68 -16.91 -20.76 -0.97
C LEU D 68 -17.57 -19.45 -1.32
N TYR D 69 -16.78 -18.46 -1.65
CA TYR D 69 -17.26 -17.09 -1.90
C TYR D 69 -17.04 -16.72 -3.36
N CYS D 70 -17.89 -15.87 -3.91
CA CYS D 70 -17.65 -15.26 -5.20
C CYS D 70 -17.96 -13.78 -5.10
N PHE D 71 -16.93 -12.94 -5.18
CA PHE D 71 -17.07 -11.50 -4.93
C PHE D 71 -16.49 -10.67 -6.06
N LYS D 72 -17.05 -9.49 -6.24
CA LYS D 72 -16.50 -8.53 -7.18
C LYS D 72 -15.00 -8.30 -6.90
N HIS D 73 -14.28 -8.16 -7.99
CA HIS D 73 -12.84 -8.01 -7.97
C HIS D 73 -12.21 -7.14 -6.89
N LYS D 74 -12.60 -5.88 -6.69
CA LYS D 74 -11.91 -5.07 -5.62
C LYS D 74 -12.28 -5.45 -4.13
N ILE D 75 -13.24 -6.35 -3.91
CA ILE D 75 -13.84 -6.54 -2.59
C ILE D 75 -13.43 -7.84 -1.89
N GLU D 76 -12.84 -7.71 -0.71
CA GLU D 76 -12.54 -8.86 0.12
C GLU D 76 -13.78 -9.27 0.93
N PRO D 77 -14.04 -10.58 1.03
CA PRO D 77 -15.24 -11.06 1.72
C PRO D 77 -15.05 -11.08 3.23
N LYS D 78 -15.03 -9.88 3.80
CA LYS D 78 -14.84 -9.63 5.23
C LYS D 78 -15.69 -8.39 5.61
N TRP D 79 -16.41 -8.48 6.73
CA TRP D 79 -17.16 -7.33 7.31
C TRP D 79 -16.38 -6.02 7.46
N GLU D 80 -15.05 -6.09 7.58
CA GLU D 80 -14.21 -4.95 7.90
C GLU D 80 -13.69 -4.28 6.56
N ASP D 81 -13.85 -4.96 5.42
CA ASP D 81 -13.61 -4.37 4.09
C ASP D 81 -14.44 -3.08 3.90
N PRO D 82 -13.82 -1.99 3.40
CA PRO D 82 -14.57 -0.69 3.41
C PRO D 82 -15.83 -0.64 2.53
N VAL D 83 -15.88 -1.45 1.47
CA VAL D 83 -17.07 -1.56 0.66
C VAL D 83 -18.19 -2.33 1.39
N CYS D 84 -17.84 -3.38 2.13
CA CYS D 84 -18.80 -4.18 2.88
C CYS D 84 -19.26 -3.59 4.21
N ALA D 85 -18.51 -2.64 4.76
CA ALA D 85 -18.64 -2.31 6.19
C ALA D 85 -20.03 -1.85 6.64
N ASN D 86 -20.72 -1.08 5.78
CA ASN D 86 -22.06 -0.54 6.12
C ASN D 86 -23.17 -1.35 5.46
N GLY D 87 -22.84 -2.59 5.12
CA GLY D 87 -23.73 -3.44 4.39
C GLY D 87 -24.33 -4.55 5.22
N GLY D 88 -24.79 -5.58 4.53
CA GLY D 88 -25.42 -6.68 5.21
C GLY D 88 -25.60 -7.85 4.27
N LYS D 89 -26.37 -8.86 4.69
CA LYS D 89 -26.56 -10.07 3.89
C LYS D 89 -27.97 -10.65 3.95
N TRP D 90 -28.45 -11.07 2.78
CA TRP D 90 -29.64 -11.85 2.65
C TRP D 90 -29.21 -13.32 2.71
N THR D 91 -30.01 -14.20 3.36
CA THR D 91 -29.65 -15.63 3.52
C THR D 91 -30.78 -16.62 3.25
N VAL D 92 -30.45 -17.66 2.52
CA VAL D 92 -31.36 -18.67 2.12
C VAL D 92 -30.74 -19.99 2.62
N ASN D 93 -31.56 -20.99 2.89
CA ASN D 93 -31.03 -22.33 3.23
C ASN D 93 -31.61 -23.48 2.39
N PHE D 94 -30.84 -24.56 2.31
CA PHE D 94 -31.16 -25.71 1.47
C PHE D 94 -30.72 -26.97 2.21
N PRO D 95 -31.40 -28.08 1.96
CA PRO D 95 -30.90 -29.27 2.62
C PRO D 95 -29.48 -29.60 2.16
N ARG D 96 -28.74 -30.25 3.04
CA ARG D 96 -27.38 -30.63 2.75
C ARG D 96 -27.28 -31.36 1.43
N GLY D 97 -26.44 -30.86 0.54
CA GLY D 97 -26.27 -31.56 -0.77
C GLY D 97 -27.32 -31.24 -1.79
N LYS D 98 -28.20 -30.29 -1.49
CA LYS D 98 -29.28 -29.85 -2.39
C LYS D 98 -29.21 -28.37 -2.63
N SER D 99 -28.01 -27.84 -2.67
CA SER D 99 -27.82 -26.38 -2.83
C SER D 99 -27.13 -26.00 -4.13
N ASP D 100 -26.78 -26.99 -4.95
CA ASP D 100 -26.01 -26.71 -6.18
C ASP D 100 -26.75 -25.73 -7.11
N ASN D 101 -28.02 -26.00 -7.38
CA ASN D 101 -28.80 -25.22 -8.33
C ASN D 101 -28.94 -23.79 -7.79
N GLY D 102 -29.26 -23.64 -6.51
CA GLY D 102 -29.41 -22.30 -5.95
C GLY D 102 -28.13 -21.49 -5.99
N TRP D 103 -27.00 -22.17 -5.77
CA TRP D 103 -25.67 -21.54 -5.91
C TRP D 103 -25.41 -21.08 -7.34
N LEU D 104 -25.66 -21.97 -8.31
CA LEU D 104 -25.47 -21.61 -9.71
C LEU D 104 -26.34 -20.43 -10.11
N TYR D 105 -27.61 -20.48 -9.81
CA TYR D 105 -28.49 -19.37 -10.16
C TYR D 105 -28.06 -18.07 -9.54
N THR D 106 -27.55 -18.15 -8.33
CA THR D 106 -27.08 -16.94 -7.61
C THR D 106 -25.86 -16.35 -8.33
N LEU D 107 -24.90 -17.19 -8.66
CA LEU D 107 -23.78 -16.80 -9.47
C LEU D 107 -24.18 -16.19 -10.78
N LEU D 108 -25.07 -16.82 -11.51
CA LEU D 108 -25.42 -16.30 -12.82
C LEU D 108 -26.16 -14.98 -12.76
N ALA D 109 -27.00 -14.84 -11.73
CA ALA D 109 -27.77 -13.59 -11.58
C ALA D 109 -26.81 -12.42 -11.26
N MET D 110 -25.80 -12.70 -10.43
CA MET D 110 -24.84 -11.68 -10.03
C MET D 110 -23.94 -11.30 -11.17
N ILE D 111 -23.28 -12.29 -11.78
CA ILE D 111 -22.28 -11.96 -12.79
C ILE D 111 -22.92 -11.40 -14.09
N GLY D 112 -24.13 -11.80 -14.39
CA GLY D 112 -24.89 -11.25 -15.50
C GLY D 112 -25.52 -9.88 -15.21
N GLU D 113 -25.36 -9.33 -14.00
CA GLU D 113 -25.97 -8.03 -13.62
C GLU D 113 -27.51 -8.03 -13.82
N GLN D 114 -28.15 -9.14 -13.44
CA GLN D 114 -29.59 -9.29 -13.62
C GLN D 114 -30.42 -8.64 -12.50
N PHE D 115 -29.78 -8.26 -11.39
CA PHE D 115 -30.52 -7.58 -10.30
C PHE D 115 -30.74 -6.09 -10.65
N ASP D 116 -31.96 -5.62 -10.47
CA ASP D 116 -32.34 -4.25 -10.73
C ASP D 116 -31.49 -3.26 -9.91
N CYS D 117 -31.19 -3.59 -8.65
CA CYS D 117 -30.27 -2.78 -7.79
C CYS D 117 -28.89 -3.46 -7.65
N GLY D 118 -28.42 -4.03 -8.75
CA GLY D 118 -27.19 -4.77 -8.80
C GLY D 118 -25.94 -4.06 -8.39
N ASP D 119 -25.92 -2.74 -8.47
CA ASP D 119 -24.72 -2.02 -8.03
C ASP D 119 -24.50 -2.15 -6.51
N GLU D 120 -25.55 -2.48 -5.74
CA GLU D 120 -25.40 -2.74 -4.30
C GLU D 120 -24.77 -4.11 -3.97
N ILE D 121 -24.68 -5.02 -4.93
CA ILE D 121 -24.15 -6.35 -4.64
C ILE D 121 -22.63 -6.37 -4.49
N CYS D 122 -22.13 -7.03 -3.45
CA CYS D 122 -20.72 -7.27 -3.25
C CYS D 122 -20.31 -8.66 -3.71
N GLY D 123 -21.09 -9.66 -3.34
CA GLY D 123 -20.79 -11.05 -3.72
C GLY D 123 -21.74 -12.02 -3.02
N ALA D 124 -21.44 -13.31 -3.17
CA ALA D 124 -22.20 -14.34 -2.54
C ALA D 124 -21.28 -15.38 -1.91
N VAL D 125 -21.84 -16.16 -0.98
CA VAL D 125 -21.14 -17.24 -0.35
C VAL D 125 -22.04 -18.42 -0.09
N VAL D 126 -21.49 -19.62 -0.21
CA VAL D 126 -22.20 -20.84 0.16
C VAL D 126 -21.42 -21.43 1.32
N ASN D 127 -22.16 -21.75 2.38
CA ASN D 127 -21.66 -22.37 3.62
C ASN D 127 -22.14 -23.82 3.66
N VAL D 128 -21.22 -24.79 3.51
CA VAL D 128 -21.53 -26.21 3.57
C VAL D 128 -21.45 -26.69 5.01
N ARG D 129 -22.58 -27.18 5.54
CA ARG D 129 -22.71 -27.66 6.93
C ARG D 129 -23.52 -28.95 6.91
N SER D 130 -23.40 -29.79 7.93
CA SER D 130 -24.08 -31.12 7.91
C SER D 130 -25.63 -31.23 7.67
N GLY D 131 -26.48 -30.52 8.43
CA GLY D 131 -27.97 -30.46 8.23
C GLY D 131 -28.50 -29.63 7.06
N GLN D 132 -28.16 -28.35 7.07
CA GLN D 132 -28.57 -27.37 6.05
C GLN D 132 -27.33 -26.71 5.45
N ASP D 133 -27.29 -26.47 4.14
CA ASP D 133 -26.34 -25.54 3.55
C ASP D 133 -27.01 -24.16 3.58
N LYS D 134 -26.21 -23.13 3.50
CA LYS D 134 -26.71 -21.75 3.46
C LYS D 134 -26.07 -21.04 2.32
N ILE D 135 -26.79 -20.10 1.73
CA ILE D 135 -26.25 -19.23 0.72
C ILE D 135 -26.64 -17.80 1.11
N SER D 136 -25.69 -16.90 1.01
CA SER D 136 -25.92 -15.49 1.32
C SER D 136 -25.43 -14.58 0.23
N ILE D 137 -26.23 -13.56 -0.08
CA ILE D 137 -25.77 -12.46 -0.91
C ILE D 137 -25.43 -11.30 -0.01
N TRP D 138 -24.19 -10.81 -0.14
CA TRP D 138 -23.69 -9.68 0.66
C TRP D 138 -23.93 -8.43 -0.15
N THR D 139 -24.48 -7.42 0.48
CA THR D 139 -24.74 -6.14 -0.17
C THR D 139 -24.13 -4.98 0.62
N LYS D 140 -23.98 -3.85 -0.05
CA LYS D 140 -23.46 -2.63 0.52
C LYS D 140 -24.72 -1.75 0.86
N ASN D 141 -24.54 -0.74 1.71
CA ASN D 141 -25.62 0.19 2.07
C ASN D 141 -26.88 -0.43 2.68
N ALA D 142 -26.69 -1.05 3.83
CA ALA D 142 -27.77 -1.72 4.58
C ALA D 142 -28.98 -0.81 4.81
N SER D 143 -28.74 0.48 5.07
CA SER D 143 -29.82 1.41 5.39
C SER D 143 -30.72 1.74 4.18
N ASN D 144 -30.33 1.40 2.94
CA ASN D 144 -31.20 1.67 1.79
C ASN D 144 -32.22 0.53 1.66
N GLU D 145 -33.33 0.65 2.39
CA GLU D 145 -34.31 -0.41 2.49
C GLU D 145 -34.96 -0.74 1.13
N ALA D 146 -35.36 0.27 0.36
CA ALA D 146 -35.97 0.00 -0.94
C ALA D 146 -35.06 -0.89 -1.85
N ALA D 147 -33.76 -0.55 -1.93
CA ALA D 147 -32.84 -1.35 -2.73
C ALA D 147 -32.65 -2.75 -2.15
N GLN D 148 -32.52 -2.87 -0.82
CA GLN D 148 -32.32 -4.20 -0.23
C GLN D 148 -33.51 -5.10 -0.47
N ALA D 149 -34.70 -4.56 -0.22
CA ALA D 149 -35.93 -5.31 -0.45
C ALA D 149 -36.08 -5.74 -1.92
N SER D 150 -35.73 -4.86 -2.86
CA SER D 150 -35.71 -5.22 -4.26
C SER D 150 -34.78 -6.43 -4.52
N ILE D 151 -33.58 -6.41 -3.97
CA ILE D 151 -32.67 -7.51 -4.12
C ILE D 151 -33.22 -8.81 -3.52
N GLY D 152 -33.69 -8.76 -2.28
CA GLY D 152 -34.25 -9.93 -1.64
C GLY D 152 -35.40 -10.55 -2.42
N LYS D 153 -36.35 -9.70 -2.85
CA LYS D 153 -37.55 -10.17 -3.55
C LYS D 153 -37.20 -10.78 -4.88
N GLN D 154 -36.32 -10.10 -5.60
CA GLN D 154 -35.88 -10.57 -6.87
C GLN D 154 -35.08 -11.89 -6.75
N TRP D 155 -34.21 -12.00 -5.74
CA TRP D 155 -33.51 -13.26 -5.47
C TRP D 155 -34.48 -14.43 -5.24
N LYS D 156 -35.48 -14.22 -4.37
CA LYS D 156 -36.50 -15.24 -4.18
C LYS D 156 -37.17 -15.71 -5.46
N GLU D 157 -37.53 -14.75 -6.33
CA GLU D 157 -38.12 -15.06 -7.61
C GLU D 157 -37.14 -15.86 -8.47
N PHE D 158 -35.87 -15.46 -8.53
CA PHE D 158 -34.87 -16.19 -9.33
C PHE D 158 -34.76 -17.64 -8.85
N LEU D 159 -34.81 -17.86 -7.53
CA LEU D 159 -34.68 -19.20 -6.94
C LEU D 159 -35.96 -20.01 -6.82
N ASP D 160 -37.14 -19.45 -7.13
CA ASP D 160 -38.43 -20.15 -6.82
C ASP D 160 -38.50 -20.56 -5.34
N TYR D 161 -37.95 -19.73 -4.49
CA TYR D 161 -37.84 -20.00 -3.06
C TYR D 161 -39.16 -19.58 -2.39
N ASN D 162 -39.72 -20.45 -1.55
CA ASN D 162 -41.08 -20.26 -1.05
C ASN D 162 -41.14 -19.93 0.43
N GLU D 163 -40.01 -19.63 1.03
CA GLU D 163 -39.97 -19.27 2.43
C GLU D 163 -39.47 -17.85 2.59
N SER D 164 -39.67 -17.32 3.77
CA SER D 164 -39.15 -16.02 4.13
C SER D 164 -37.65 -16.04 4.19
N ILE D 165 -37.09 -14.96 3.73
CA ILE D 165 -35.71 -14.69 3.84
C ILE D 165 -35.50 -13.44 4.68
N GLY D 166 -34.40 -13.37 5.43
CA GLY D 166 -34.04 -12.20 6.17
C GLY D 166 -32.71 -11.55 5.77
N PHE D 167 -32.61 -10.26 6.09
CA PHE D 167 -31.43 -9.44 5.91
C PHE D 167 -30.87 -9.04 7.25
N ILE D 168 -29.59 -9.35 7.45
CA ILE D 168 -28.89 -9.07 8.68
C ILE D 168 -27.79 -8.06 8.39
N PHE D 169 -27.81 -6.93 9.09
CA PHE D 169 -26.75 -5.89 9.00
C PHE D 169 -25.44 -6.47 9.55
N HIS D 170 -24.34 -6.28 8.82
CA HIS D 170 -23.02 -6.74 9.33
C HIS D 170 -22.70 -6.13 10.66
N ASP D 171 -23.08 -4.87 10.89
CA ASP D 171 -22.94 -4.26 12.24
C ASP D 171 -23.59 -5.07 13.37
N ASP D 172 -24.79 -5.59 13.13
CA ASP D 172 -25.49 -6.43 14.10
C ASP D 172 -24.87 -7.82 14.23
N ALA D 173 -24.47 -8.44 13.12
CA ALA D 173 -23.75 -9.73 13.19
C ALA D 173 -22.43 -9.62 14.00
N LYS D 174 -21.66 -8.53 13.82
CA LYS D 174 -20.40 -8.29 14.57
C LYS D 174 -20.64 -8.26 16.09
N LYS D 175 -21.67 -7.52 16.51
CA LYS D 175 -21.96 -7.23 17.96
C LYS D 175 -22.65 -8.40 18.68
N PHE D 176 -23.77 -8.84 18.11
CA PHE D 176 -24.55 -9.94 18.65
C PHE D 176 -24.03 -11.04 17.73
N ASP D 177 -24.22 -12.32 17.98
CA ASP D 177 -23.51 -13.29 17.11
C ASP D 177 -24.60 -14.10 16.39
N ARG D 178 -24.95 -15.25 16.97
CA ARG D 178 -26.19 -15.97 16.69
C ARG D 178 -27.44 -15.11 16.98
N HIS D 179 -27.35 -14.23 17.97
CA HIS D 179 -28.47 -13.40 18.38
C HIS D 179 -28.79 -12.16 17.49
N ALA D 180 -28.09 -11.95 16.36
CA ALA D 180 -28.41 -10.84 15.46
C ALA D 180 -29.73 -11.09 14.76
N LYS D 181 -30.56 -10.06 14.65
CA LYS D 181 -31.89 -10.24 14.14
C LYS D 181 -31.95 -9.72 12.76
N ASN D 182 -32.94 -10.23 12.05
CA ASN D 182 -33.23 -9.79 10.72
C ASN D 182 -33.84 -8.37 10.79
N LYS D 183 -33.27 -7.41 10.07
CA LYS D 183 -33.83 -6.08 10.02
C LYS D 183 -34.94 -5.99 8.96
N TYR D 184 -34.78 -6.69 7.83
CA TYR D 184 -35.80 -6.78 6.76
C TYR D 184 -36.09 -8.24 6.47
N MET D 185 -37.32 -8.49 6.01
CA MET D 185 -37.77 -9.83 5.55
C MET D 185 -38.65 -9.76 4.30
N VAL D 186 -38.42 -10.76 3.43
CA VAL D 186 -38.82 -11.00 2.01
C VAL D 186 -38.68 -9.79 1.10
C1 GOL E . 1.21 -1.95 -34.52
O1 GOL E . 0.22 -1.27 -35.31
C2 GOL E . 0.93 -1.87 -33.02
O2 GOL E . 2.08 -2.24 -32.22
C3 GOL E . 0.48 -0.45 -32.67
O3 GOL E . 0.62 -0.11 -31.27
C1 GOL F . 24.40 9.27 13.90
O1 GOL F . 23.69 9.55 15.11
C2 GOL F . 25.44 10.34 13.57
O2 GOL F . 26.40 10.46 14.63
C3 GOL F . 26.17 10.00 12.25
O3 GOL F . 25.39 10.36 11.10
C1 GOL G . -26.31 15.43 18.63
O1 GOL G . -26.38 16.71 19.29
C2 GOL G . -27.64 14.69 18.32
O2 GOL G . -28.75 15.53 17.97
C3 GOL G . -27.45 13.73 17.14
O3 GOL G . -26.08 13.44 16.93
C1 GOL H . -25.49 11.36 9.21
O1 GOL H . -25.46 12.50 10.10
C2 GOL H . -24.10 10.74 9.01
O2 GOL H . -23.42 10.65 10.27
C3 GOL H . -24.16 9.34 8.35
O3 GOL H . -22.92 8.62 8.50
C1 GOL I . 10.89 19.85 10.83
O1 GOL I . 11.27 19.79 12.22
C2 GOL I . 9.95 21.03 10.53
O2 GOL I . 10.56 22.25 11.01
C3 GOL I . 9.62 21.15 9.03
O3 GOL I . 9.58 22.52 8.59
#